data_2OYL
#
_entry.id   2OYL
#
_cell.length_a   53.752
_cell.length_b   93.246
_cell.length_c   94.432
_cell.angle_alpha   90.000
_cell.angle_beta   98.350
_cell.angle_gamma   90.000
#
_symmetry.space_group_name_H-M   'P 1 21 1'
#
loop_
_entity.id
_entity.type
_entity.pdbx_description
1 polymer 'Endoglycoceramidase II'
2 non-polymer 'SODIUM ION'
3 non-polymer '(5R,6R,7R,8S)-7,8-dihydroxy-5-(hydroxymethyl)-5,6,7,8-tetrahydroimidazo[1,2-a]pyridin-6-yl beta-D-glucopyranoside'
4 non-polymer GLYCEROL
5 water water
#
_entity_poly.entity_id   1
_entity_poly.type   'polypeptide(L)'
_entity_poly.pdbx_seq_one_letter_code
;MGSSHHHHHHSSGLVPRGSHMSGSGSGSGTALTPSYLKDDDGRSLILRGFNTASSAKSAPDGMPQFTEADLAREYADMGT
NFVRFLISWRSVEPAPGVYDQQYLDRVEDRVGWYAERGYKVMLDMHQDVYSGAITPEGNSGNGAGAIGNGAPAWATYMDG
LPVEPQPRWELYYIQPGVMRAFDNFWNTTGKHPELVEHYAKAWRAVADRFADNDAVVAYDLMNEPFGGSLQGPAFEAGPL
AAMYQRTTDAIRQVDQDTWVCVAPQAIGVNQGLPSGLTKIDDPRAGQQRIAYCPHLYPLPLDIGDGHEGLARTLTDVTID
AWRANTAHTARVLGDVPIILGEFGLDTTLPGARDYIERVYGTAREMGAGVSYWSSDPGPWGPYLPDGTQTLLVDTLNKPY
PRAVAGTPTEWSSTSDRLQLTIEPDAAITAPTEIYLPEAGFPGDVHVEGADVVGWDRQSRLLTVRTPADSGNVTVTVTPA
A
;
_entity_poly.pdbx_strand_id   A,B
#
# COMPACT_ATOMS: atom_id res chain seq x y z
N PRO A 34 0.18 -2.09 32.39
CA PRO A 34 1.16 -1.98 31.30
C PRO A 34 0.79 -0.98 30.21
N SER A 35 1.81 -0.49 29.50
CA SER A 35 1.64 0.42 28.38
CA SER A 35 1.60 0.41 28.39
C SER A 35 1.94 -0.31 27.08
N TYR A 36 1.35 0.18 25.99
CA TYR A 36 1.47 -0.46 24.68
C TYR A 36 1.92 0.51 23.60
N LEU A 37 2.65 -0.01 22.61
CA LEU A 37 2.81 0.68 21.33
C LEU A 37 1.43 0.75 20.67
N LYS A 38 1.21 1.77 19.85
CA LYS A 38 -0.06 1.95 19.17
C LYS A 38 0.16 2.04 17.66
N ASP A 39 -0.82 1.58 16.89
CA ASP A 39 -0.81 1.80 15.45
C ASP A 39 -1.35 3.21 15.15
N ASP A 40 -1.43 3.58 13.87
CA ASP A 40 -1.91 4.90 13.49
C ASP A 40 -3.40 5.14 13.77
N ASP A 41 -4.14 4.07 14.04
CA ASP A 41 -5.55 4.17 14.43
C ASP A 41 -5.70 4.31 15.96
N GLY A 42 -4.58 4.30 16.68
CA GLY A 42 -4.59 4.42 18.15
C GLY A 42 -4.83 3.12 18.89
N ARG A 43 -4.87 2.01 18.16
CA ARG A 43 -5.11 0.70 18.75
C ARG A 43 -3.84 0.19 19.44
N SER A 44 -4.03 -0.48 20.57
CA SER A 44 -2.93 -1.01 21.36
C SER A 44 -2.47 -2.34 20.77
N LEU A 45 -1.17 -2.45 20.51
CA LEU A 45 -0.61 -3.58 19.76
C LEU A 45 -0.09 -4.70 20.68
N ILE A 46 -0.54 -5.92 20.42
CA ILE A 46 0.03 -7.11 21.08
C ILE A 46 0.86 -7.82 20.01
N LEU A 47 2.17 -7.82 20.20
CA LEU A 47 3.10 -8.19 19.14
C LEU A 47 3.67 -9.59 19.34
N ARG A 48 3.52 -10.44 18.33
CA ARG A 48 3.96 -11.84 18.39
C ARG A 48 4.68 -12.20 17.11
N GLY A 49 5.96 -12.56 17.22
CA GLY A 49 6.70 -13.01 16.05
C GLY A 49 8.06 -13.57 16.38
N PHE A 50 8.97 -13.43 15.40
CA PHE A 50 10.29 -14.00 15.45
C PHE A 50 11.36 -12.97 15.18
N ASN A 51 12.57 -13.32 15.61
CA ASN A 51 13.78 -12.73 15.11
C ASN A 51 14.08 -13.35 13.76
N THR A 52 14.27 -12.50 12.75
CA THR A 52 14.56 -12.96 11.40
C THR A 52 15.66 -12.08 10.83
N ALA A 53 16.87 -12.61 10.65
CA ALA A 53 17.30 -13.95 11.04
C ALA A 53 18.80 -13.90 11.27
N SER A 54 19.29 -14.85 12.06
CA SER A 54 20.72 -14.98 12.34
C SER A 54 21.52 -15.12 11.06
N SER A 55 20.91 -15.74 10.04
CA SER A 55 21.56 -15.94 8.73
C SER A 55 21.98 -14.64 8.04
N ALA A 56 21.34 -13.52 8.39
CA ALA A 56 21.74 -12.20 7.88
C ALA A 56 23.13 -11.76 8.37
N LYS A 57 23.56 -12.24 9.52
CA LYS A 57 24.80 -11.76 10.15
C LYS A 57 26.02 -11.88 9.23
N SER A 58 26.09 -13.00 8.51
CA SER A 58 27.26 -13.34 7.68
C SER A 58 27.03 -13.15 6.18
N ALA A 59 25.79 -12.87 5.80
CA ALA A 59 25.44 -12.75 4.39
C ALA A 59 26.14 -11.54 3.77
N PRO A 60 26.92 -11.74 2.69
CA PRO A 60 27.56 -10.59 2.04
C PRO A 60 26.64 -9.40 1.79
N ASP A 61 25.40 -9.65 1.36
CA ASP A 61 24.47 -8.59 1.04
C ASP A 61 23.61 -8.17 2.25
N GLY A 62 23.89 -8.73 3.41
CA GLY A 62 23.24 -8.33 4.65
C GLY A 62 21.82 -8.83 4.83
N MET A 63 21.34 -9.63 3.89
CA MET A 63 19.97 -10.17 3.95
C MET A 63 19.94 -11.56 4.59
N PRO A 64 18.82 -11.87 5.29
CA PRO A 64 18.65 -13.22 5.82
C PRO A 64 18.32 -14.21 4.71
N GLN A 65 18.65 -15.48 4.95
CA GLN A 65 18.21 -16.58 4.09
C GLN A 65 16.75 -16.87 4.42
N PHE A 66 15.88 -16.03 3.89
CA PHE A 66 14.46 -16.03 4.26
C PHE A 66 13.74 -15.39 3.10
N THR A 67 12.77 -16.11 2.55
CA THR A 67 12.07 -15.71 1.34
C THR A 67 10.67 -15.24 1.67
N GLU A 68 10.00 -14.67 0.68
CA GLU A 68 8.60 -14.28 0.82
C GLU A 68 7.73 -15.52 1.07
N ALA A 69 8.06 -16.63 0.39
CA ALA A 69 7.39 -17.91 0.62
C ALA A 69 7.55 -18.39 2.07
N ASP A 70 8.73 -18.20 2.63
CA ASP A 70 8.97 -18.54 4.03
C ASP A 70 8.05 -17.73 4.95
N LEU A 71 7.87 -16.45 4.65
CA LEU A 71 6.98 -15.61 5.49
C LEU A 71 5.55 -16.09 5.36
N ALA A 72 5.14 -16.42 4.13
CA ALA A 72 3.80 -16.97 3.88
C ALA A 72 3.55 -18.20 4.75
N ARG A 73 4.57 -19.07 4.85
CA ARG A 73 4.48 -20.28 5.66
C ARG A 73 4.33 -19.94 7.14
N GLU A 74 5.19 -19.04 7.61
CA GLU A 74 5.13 -18.58 9.00
C GLU A 74 3.74 -18.06 9.35
N TYR A 75 3.22 -17.18 8.49
CA TYR A 75 1.90 -16.58 8.73
C TYR A 75 0.79 -17.63 8.70
N ALA A 76 0.84 -18.52 7.73
CA ALA A 76 -0.15 -19.60 7.60
C ALA A 76 -0.15 -20.53 8.81
N ASP A 77 1.05 -20.81 9.35
CA ASP A 77 1.19 -21.79 10.42
C ASP A 77 0.97 -21.20 11.82
N MET A 78 1.29 -19.92 12.00
CA MET A 78 1.31 -19.30 13.34
C MET A 78 0.58 -17.96 13.50
N GLY A 79 0.21 -17.32 12.38
CA GLY A 79 -0.51 -16.05 12.42
C GLY A 79 0.21 -14.92 13.13
N THR A 80 1.53 -14.92 13.05
CA THR A 80 2.34 -13.89 13.67
C THR A 80 2.08 -12.51 13.03
N ASN A 81 2.35 -11.45 13.80
CA ASN A 81 2.10 -10.08 13.36
C ASN A 81 3.27 -9.12 13.64
N PHE A 82 4.43 -9.67 13.98
CA PHE A 82 5.60 -8.90 14.40
C PHE A 82 6.85 -9.60 13.89
N VAL A 83 7.88 -8.80 13.63
CA VAL A 83 9.23 -9.33 13.38
C VAL A 83 10.27 -8.38 13.98
N ARG A 84 11.29 -8.97 14.60
CA ARG A 84 12.50 -8.26 14.94
C ARG A 84 13.45 -8.58 13.78
N PHE A 85 13.60 -7.64 12.88
CA PHE A 85 14.35 -7.87 11.64
C PHE A 85 15.79 -7.38 11.78
N LEU A 86 16.74 -8.29 11.61
CA LEU A 86 18.14 -7.97 11.81
C LEU A 86 18.72 -7.13 10.66
N ILE A 87 19.23 -5.95 11.01
CA ILE A 87 20.07 -5.16 10.12
C ILE A 87 21.47 -5.03 10.75
N SER A 88 22.39 -4.39 10.05
CA SER A 88 23.75 -4.31 10.58
C SER A 88 24.45 -3.03 10.18
N TRP A 89 25.24 -2.52 11.11
CA TRP A 89 25.99 -1.29 10.93
C TRP A 89 26.97 -1.44 9.77
N ARG A 90 27.62 -2.60 9.66
CA ARG A 90 28.55 -2.87 8.56
C ARG A 90 27.87 -2.73 7.18
N SER A 91 26.59 -3.05 7.11
CA SER A 91 25.84 -2.97 5.86
C SER A 91 25.31 -1.56 5.59
N VAL A 92 24.88 -0.86 6.65
CA VAL A 92 24.41 0.53 6.55
C VAL A 92 25.54 1.49 6.17
N GLU A 93 26.69 1.34 6.82
CA GLU A 93 27.80 2.28 6.72
C GLU A 93 29.08 1.51 6.40
N PRO A 94 29.22 1.00 5.16
CA PRO A 94 30.40 0.22 4.79
C PRO A 94 31.72 1.00 4.80
N ALA A 95 31.63 2.33 4.69
CA ALA A 95 32.78 3.21 4.84
C ALA A 95 32.35 4.42 5.64
N PRO A 96 33.28 5.05 6.39
CA PRO A 96 32.93 6.16 7.27
C PRO A 96 32.15 7.29 6.56
N GLY A 97 30.95 7.60 7.05
CA GLY A 97 30.13 8.67 6.50
C GLY A 97 29.42 8.39 5.18
N VAL A 98 29.52 7.15 4.70
CA VAL A 98 28.98 6.73 3.41
C VAL A 98 27.96 5.61 3.64
N TYR A 99 26.69 5.90 3.39
CA TYR A 99 25.61 4.94 3.65
C TYR A 99 25.20 4.22 2.38
N ASP A 100 24.93 2.92 2.51
CA ASP A 100 24.63 2.09 1.35
C ASP A 100 23.12 2.09 1.10
N GLN A 101 22.70 2.91 0.15
CA GLN A 101 21.28 3.02 -0.15
C GLN A 101 20.72 1.77 -0.84
N GLN A 102 21.60 0.99 -1.47
CA GLN A 102 21.18 -0.26 -2.10
CA GLN A 102 21.19 -0.26 -2.10
C GLN A 102 20.90 -1.31 -1.04
N TYR A 103 21.67 -1.30 0.05
CA TYR A 103 21.38 -2.19 1.17
C TYR A 103 20.02 -1.83 1.76
N LEU A 104 19.79 -0.53 1.96
CA LEU A 104 18.51 -0.05 2.48
C LEU A 104 17.35 -0.37 1.53
N ASP A 105 17.61 -0.39 0.22
CA ASP A 105 16.61 -0.89 -0.75
C ASP A 105 16.22 -2.34 -0.44
N ARG A 106 17.23 -3.17 -0.16
CA ARG A 106 16.98 -4.59 0.12
C ARG A 106 16.18 -4.75 1.41
N VAL A 107 16.54 -4.00 2.44
CA VAL A 107 15.79 -4.02 3.70
C VAL A 107 14.34 -3.57 3.43
N GLU A 108 14.18 -2.49 2.68
CA GLU A 108 12.84 -1.99 2.33
C GLU A 108 12.01 -3.04 1.59
N ASP A 109 12.65 -3.78 0.69
CA ASP A 109 12.00 -4.87 -0.03
CA ASP A 109 11.98 -4.87 -0.04
C ASP A 109 11.44 -5.91 0.94
N ARG A 110 12.27 -6.33 1.90
CA ARG A 110 11.86 -7.32 2.90
C ARG A 110 10.72 -6.78 3.78
N VAL A 111 10.87 -5.54 4.26
CA VAL A 111 9.84 -4.88 5.06
C VAL A 111 8.51 -4.89 4.29
N GLY A 112 8.57 -4.69 2.98
CA GLY A 112 7.38 -4.80 2.11
C GLY A 112 6.65 -6.13 2.18
N TRP A 113 7.40 -7.23 2.26
CA TRP A 113 6.78 -8.55 2.42
C TRP A 113 5.97 -8.62 3.71
N TYR A 114 6.57 -8.12 4.78
CA TYR A 114 5.90 -8.08 6.08
C TYR A 114 4.67 -7.16 6.03
N ALA A 115 4.84 -5.99 5.42
CA ALA A 115 3.75 -5.02 5.28
C ALA A 115 2.54 -5.63 4.57
N GLU A 116 2.79 -6.38 3.50
CA GLU A 116 1.74 -7.00 2.70
C GLU A 116 0.88 -7.98 3.51
N ARG A 117 1.46 -8.59 4.54
CA ARG A 117 0.75 -9.57 5.36
C ARG A 117 0.35 -9.03 6.74
N GLY A 118 0.43 -7.70 6.88
CA GLY A 118 -0.09 -7.01 8.05
C GLY A 118 0.81 -7.06 9.27
N TYR A 119 2.09 -7.33 9.07
CA TYR A 119 3.06 -7.35 10.16
C TYR A 119 3.51 -5.95 10.51
N LYS A 120 3.92 -5.78 11.78
CA LYS A 120 4.70 -4.62 12.18
C LYS A 120 6.15 -5.07 12.37
N VAL A 121 7.07 -4.16 12.06
CA VAL A 121 8.50 -4.47 11.98
C VAL A 121 9.29 -3.66 13.00
N MET A 122 10.14 -4.35 13.76
CA MET A 122 11.17 -3.70 14.57
C MET A 122 12.53 -3.94 13.92
N LEU A 123 13.20 -2.87 13.49
CA LEU A 123 14.53 -3.01 12.92
C LEU A 123 15.57 -3.05 14.05
N ASP A 124 16.37 -4.11 14.04
CA ASP A 124 17.36 -4.39 15.09
C ASP A 124 18.78 -4.19 14.54
N MET A 125 19.47 -3.17 15.05
CA MET A 125 20.88 -2.97 14.69
C MET A 125 21.69 -4.00 15.47
N HIS A 126 21.89 -5.14 14.82
CA HIS A 126 22.35 -6.34 15.52
C HIS A 126 23.85 -6.47 15.49
N GLN A 127 24.42 -6.87 16.63
CA GLN A 127 25.80 -7.30 16.73
C GLN A 127 25.89 -8.45 17.72
N ASP A 128 26.91 -9.29 17.55
CA ASP A 128 27.37 -10.18 18.62
C ASP A 128 28.88 -10.16 18.58
N VAL A 129 29.50 -9.92 19.73
CA VAL A 129 30.95 -9.87 19.84
C VAL A 129 31.53 -8.82 18.87
N TYR A 130 30.81 -7.69 18.79
CA TYR A 130 31.19 -6.47 18.08
C TYR A 130 31.15 -6.50 16.55
N SER A 131 31.89 -7.45 15.95
CA SER A 131 32.10 -7.41 14.52
C SER A 131 32.66 -8.72 13.98
N GLY A 132 32.40 -8.99 12.70
CA GLY A 132 33.09 -10.06 12.00
C GLY A 132 34.59 -9.86 11.94
N ALA A 133 35.05 -8.61 12.08
CA ALA A 133 36.47 -8.27 11.98
C ALA A 133 37.35 -8.63 13.20
N ILE A 134 36.77 -9.29 14.21
CA ILE A 134 37.52 -9.64 15.42
C ILE A 134 38.53 -10.77 15.20
N THR A 135 38.32 -11.57 14.16
CA THR A 135 39.33 -12.54 13.72
C THR A 135 39.45 -12.51 12.19
N PRO A 136 40.64 -12.79 11.64
CA PRO A 136 40.71 -13.08 10.21
C PRO A 136 39.99 -14.39 9.88
N ALA A 146 32.91 -13.75 10.72
CA ALA A 146 33.26 -15.13 11.04
C ALA A 146 32.72 -15.56 12.41
N ILE A 147 33.23 -14.95 13.47
CA ILE A 147 32.76 -15.27 14.83
C ILE A 147 31.71 -14.23 15.26
N GLY A 148 32.12 -12.97 15.28
CA GLY A 148 31.21 -11.89 15.60
C GLY A 148 30.51 -11.37 14.36
N ASN A 149 29.71 -10.33 14.58
CA ASN A 149 28.99 -9.65 13.51
C ASN A 149 28.58 -8.28 14.02
N GLY A 150 28.38 -7.34 13.11
CA GLY A 150 27.84 -6.02 13.47
C GLY A 150 28.57 -4.85 12.85
N ALA A 151 29.64 -4.43 13.53
CA ALA A 151 30.34 -3.21 13.16
C ALA A 151 31.15 -3.44 11.88
N PRO A 152 31.31 -2.40 11.05
CA PRO A 152 32.21 -2.55 9.91
C PRO A 152 33.67 -2.62 10.37
N ALA A 153 34.53 -3.16 9.51
CA ALA A 153 35.95 -3.30 9.84
C ALA A 153 36.59 -1.96 10.21
N TRP A 154 36.24 -0.88 9.50
CA TRP A 154 36.83 0.43 9.78
C TRP A 154 36.52 0.93 11.19
N ALA A 155 35.43 0.45 11.78
CA ALA A 155 35.01 0.84 13.12
C ALA A 155 35.54 -0.08 14.23
N THR A 156 36.32 -1.09 13.85
CA THR A 156 36.81 -2.12 14.77
C THR A 156 38.29 -1.89 15.09
N TYR A 157 38.57 -1.46 16.33
CA TYR A 157 39.91 -1.16 16.77
C TYR A 157 40.32 -2.05 17.95
N MET A 158 40.99 -3.15 17.64
CA MET A 158 41.46 -4.09 18.65
C MET A 158 42.88 -3.77 19.09
N ASP A 159 43.53 -2.84 18.39
CA ASP A 159 44.86 -2.34 18.73
C ASP A 159 45.89 -3.46 18.87
N GLY A 160 45.78 -4.48 18.00
CA GLY A 160 46.71 -5.62 17.99
C GLY A 160 46.54 -6.63 19.11
N LEU A 161 45.56 -6.42 19.99
CA LEU A 161 45.34 -7.32 21.13
C LEU A 161 44.68 -8.62 20.68
N PRO A 162 45.05 -9.75 21.32
CA PRO A 162 44.66 -11.06 20.81
C PRO A 162 43.18 -11.40 20.96
N VAL A 163 42.71 -12.25 20.05
CA VAL A 163 41.40 -12.86 20.12
C VAL A 163 41.58 -14.35 19.79
N GLU A 164 41.94 -15.13 20.80
CA GLU A 164 42.21 -16.55 20.60
C GLU A 164 40.92 -17.35 20.58
N PRO A 165 40.89 -18.47 19.81
CA PRO A 165 39.70 -19.31 19.69
C PRO A 165 39.20 -19.80 21.06
N GLN A 166 37.88 -19.76 21.25
CA GLN A 166 37.25 -20.15 22.51
C GLN A 166 36.21 -21.24 22.29
N PRO A 167 35.93 -22.05 23.32
CA PRO A 167 35.00 -23.18 23.20
C PRO A 167 33.50 -22.81 23.01
N ARG A 168 33.14 -21.55 23.26
CA ARG A 168 31.78 -21.06 23.02
C ARG A 168 31.85 -19.62 22.52
N TRP A 169 30.97 -19.26 21.59
CA TRP A 169 31.01 -17.92 20.98
C TRP A 169 30.96 -16.78 22.02
N GLU A 170 30.17 -16.97 23.07
CA GLU A 170 30.01 -15.93 24.10
C GLU A 170 31.32 -15.54 24.79
N LEU A 171 32.22 -16.51 24.91
CA LEU A 171 33.53 -16.28 25.55
C LEU A 171 34.47 -15.38 24.75
N TYR A 172 34.19 -15.18 23.46
CA TYR A 172 34.94 -14.19 22.68
C TYR A 172 34.77 -12.77 23.21
N TYR A 173 33.64 -12.48 23.86
CA TYR A 173 33.40 -11.16 24.43
C TYR A 173 34.51 -10.67 25.37
N ILE A 174 35.11 -11.59 26.10
CA ILE A 174 36.11 -11.22 27.11
C ILE A 174 37.56 -11.33 26.66
N GLN A 175 37.79 -11.67 25.39
CA GLN A 175 39.15 -11.66 24.84
C GLN A 175 39.72 -10.25 24.73
N PRO A 176 41.04 -10.09 24.91
CA PRO A 176 41.61 -8.74 24.97
C PRO A 176 41.25 -7.84 23.78
N GLY A 177 41.31 -8.38 22.57
CA GLY A 177 40.99 -7.61 21.37
C GLY A 177 39.54 -7.18 21.31
N VAL A 178 38.63 -8.04 21.75
CA VAL A 178 37.21 -7.72 21.74
C VAL A 178 36.86 -6.70 22.82
N MET A 179 37.41 -6.90 24.02
CA MET A 179 37.25 -5.93 25.10
C MET A 179 37.75 -4.55 24.68
N ARG A 180 38.88 -4.50 23.98
CA ARG A 180 39.44 -3.24 23.48
C ARG A 180 38.55 -2.61 22.39
N ALA A 181 38.07 -3.44 21.48
CA ALA A 181 37.14 -2.99 20.43
C ALA A 181 35.94 -2.27 21.05
N PHE A 182 35.35 -2.85 22.08
CA PHE A 182 34.24 -2.21 22.79
C PHE A 182 34.67 -0.98 23.58
N ASP A 183 35.78 -1.08 24.31
CA ASP A 183 36.33 0.06 25.05
C ASP A 183 36.60 1.25 24.13
N ASN A 184 37.06 0.98 22.92
CA ASN A 184 37.26 2.03 21.92
C ASN A 184 35.92 2.57 21.44
N PHE A 185 34.97 1.68 21.10
CA PHE A 185 33.64 2.10 20.69
C PHE A 185 32.97 3.04 21.70
N TRP A 186 32.96 2.67 22.98
CA TRP A 186 32.38 3.53 24.04
C TRP A 186 33.29 4.70 24.43
N ASN A 187 34.47 4.77 23.80
CA ASN A 187 35.48 5.80 24.08
C ASN A 187 35.98 5.79 25.52
N THR A 188 35.93 4.60 26.13
CA THR A 188 36.52 4.38 27.45
C THR A 188 38.03 4.64 27.38
N THR A 189 38.64 4.33 26.22
CA THR A 189 40.06 4.57 25.97
C THR A 189 40.42 6.04 25.72
N GLY A 190 39.41 6.85 25.38
CA GLY A 190 39.59 8.26 25.05
C GLY A 190 40.09 8.49 23.62
N LYS A 191 40.22 7.42 22.85
CA LYS A 191 40.87 7.49 21.54
C LYS A 191 39.92 7.57 20.35
N HIS A 192 38.64 7.23 20.58
CA HIS A 192 37.67 7.17 19.48
C HIS A 192 36.30 7.77 19.81
N PRO A 193 36.27 9.09 20.09
CA PRO A 193 35.00 9.76 20.33
C PRO A 193 34.06 9.73 19.11
N GLU A 194 34.64 9.50 17.93
CA GLU A 194 33.88 9.53 16.67
C GLU A 194 32.95 8.33 16.48
N LEU A 195 33.22 7.21 17.14
CA LEU A 195 32.49 5.97 16.85
C LEU A 195 31.00 6.03 17.21
N VAL A 196 30.68 6.51 18.41
CA VAL A 196 29.26 6.67 18.79
C VAL A 196 28.56 7.69 17.88
N GLU A 197 29.28 8.74 17.51
CA GLU A 197 28.73 9.76 16.60
C GLU A 197 28.38 9.13 15.24
N HIS A 198 29.29 8.33 14.68
CA HIS A 198 29.01 7.57 13.45
C HIS A 198 27.81 6.62 13.62
N TYR A 199 27.75 5.95 14.77
CA TYR A 199 26.67 5.01 15.06
C TYR A 199 25.31 5.72 15.03
N ALA A 200 25.21 6.82 15.75
CA ALA A 200 23.99 7.65 15.77
C ALA A 200 23.55 8.08 14.37
N LYS A 201 24.50 8.58 13.57
CA LYS A 201 24.17 9.05 12.22
C LYS A 201 23.87 7.90 11.24
N ALA A 202 24.43 6.72 11.49
CA ALA A 202 24.06 5.53 10.71
C ALA A 202 22.60 5.16 10.99
N TRP A 203 22.19 5.26 12.26
CA TRP A 203 20.79 5.11 12.63
C TRP A 203 19.89 6.18 12.00
N ARG A 204 20.38 7.43 11.97
CA ARG A 204 19.64 8.50 11.32
C ARG A 204 19.39 8.17 9.84
N ALA A 205 20.40 7.61 9.17
CA ALA A 205 20.26 7.21 7.76
C ALA A 205 19.15 6.16 7.59
N VAL A 206 19.14 5.14 8.46
CA VAL A 206 18.08 4.13 8.45
C VAL A 206 16.72 4.76 8.72
N ALA A 207 16.64 5.62 9.73
CA ALA A 207 15.36 6.25 10.11
C ALA A 207 14.84 7.15 8.99
N ASP A 208 15.76 7.80 8.27
CA ASP A 208 15.38 8.67 7.14
C ASP A 208 14.68 7.86 6.05
N ARG A 209 15.16 6.66 5.80
CA ARG A 209 14.53 5.75 4.84
C ARG A 209 13.16 5.23 5.30
N PHE A 210 13.04 4.92 6.58
CA PHE A 210 11.85 4.21 7.05
C PHE A 210 10.83 5.06 7.79
N ALA A 211 11.09 6.36 7.91
CA ALA A 211 10.21 7.25 8.67
C ALA A 211 8.77 7.20 8.16
N ASP A 212 8.59 7.08 6.84
CA ASP A 212 7.23 7.07 6.28
C ASP A 212 6.76 5.67 5.90
N ASN A 213 7.43 4.65 6.45
CA ASN A 213 7.03 3.28 6.21
C ASN A 213 5.99 2.82 7.22
N ASP A 214 4.77 2.60 6.74
CA ASP A 214 3.62 2.23 7.57
C ASP A 214 3.77 0.90 8.34
N ALA A 215 4.67 0.03 7.88
CA ALA A 215 4.89 -1.27 8.54
C ALA A 215 5.91 -1.22 9.69
N VAL A 216 6.77 -0.21 9.72
CA VAL A 216 7.81 -0.12 10.75
C VAL A 216 7.30 0.63 11.97
N VAL A 217 7.39 0.00 13.15
CA VAL A 217 6.88 0.60 14.38
CA VAL A 217 6.89 0.59 14.40
C VAL A 217 7.98 0.88 15.40
N ALA A 218 9.15 0.26 15.23
CA ALA A 218 10.19 0.33 16.25
C ALA A 218 11.61 0.19 15.69
N TYR A 219 12.55 0.86 16.37
CA TYR A 219 13.98 0.74 16.10
C TYR A 219 14.64 0.26 17.39
N ASP A 220 15.22 -0.95 17.33
CA ASP A 220 15.93 -1.52 18.47
C ASP A 220 17.40 -1.13 18.31
N LEU A 221 17.85 -0.16 19.11
CA LEU A 221 19.08 0.58 18.82
C LEU A 221 20.37 -0.23 18.84
N MET A 222 20.47 -1.21 19.74
CA MET A 222 21.65 -2.07 19.81
C MET A 222 21.34 -3.42 20.41
N ASN A 223 21.60 -4.50 19.67
CA ASN A 223 21.50 -5.82 20.27
C ASN A 223 22.52 -6.00 21.39
N GLU A 224 22.03 -6.49 22.52
CA GLU A 224 22.88 -6.93 23.64
C GLU A 224 24.13 -6.07 23.86
N PRO A 225 23.91 -4.81 24.28
CA PRO A 225 25.02 -3.91 24.60
C PRO A 225 26.01 -4.57 25.56
N PHE A 226 27.29 -4.49 25.23
CA PHE A 226 28.36 -5.05 26.05
C PHE A 226 29.36 -3.95 26.36
N GLY A 227 29.68 -3.76 27.63
CA GLY A 227 30.44 -2.59 28.06
C GLY A 227 31.95 -2.76 28.08
N GLY A 228 32.45 -3.93 27.70
CA GLY A 228 33.88 -4.21 27.76
C GLY A 228 34.37 -4.14 29.19
N SER A 229 35.30 -3.23 29.47
CA SER A 229 35.87 -3.09 30.82
CA SER A 229 35.87 -3.10 30.82
C SER A 229 34.93 -2.39 31.79
N LEU A 230 33.84 -1.81 31.27
CA LEU A 230 32.79 -1.22 32.09
C LEU A 230 31.62 -2.19 32.17
N GLN A 231 31.15 -2.48 33.38
CA GLN A 231 30.02 -3.39 33.57
C GLN A 231 29.09 -2.88 34.66
N GLY A 232 27.80 -3.15 34.51
CA GLY A 232 26.80 -2.71 35.47
C GLY A 232 26.41 -1.25 35.26
N PRO A 233 25.87 -0.61 36.31
CA PRO A 233 25.46 0.80 36.28
C PRO A 233 26.50 1.79 35.70
N ALA A 234 27.78 1.57 35.97
CA ALA A 234 28.85 2.39 35.38
C ALA A 234 28.78 2.40 33.86
N PHE A 235 28.40 1.26 33.29
CA PHE A 235 28.26 1.17 31.85
C PHE A 235 26.89 1.67 31.41
N GLU A 236 25.84 1.13 32.02
CA GLU A 236 24.49 1.37 31.54
C GLU A 236 24.01 2.81 31.72
N ALA A 237 24.37 3.42 32.86
CA ALA A 237 24.01 4.81 33.16
C ALA A 237 25.05 5.78 32.61
N GLY A 238 26.16 5.24 32.12
CA GLY A 238 27.24 6.05 31.56
C GLY A 238 27.16 6.07 30.04
N PRO A 239 28.13 5.45 29.37
CA PRO A 239 28.19 5.54 27.91
C PRO A 239 27.02 4.90 27.16
N LEU A 240 26.36 3.89 27.75
CA LEU A 240 25.24 3.23 27.06
C LEU A 240 24.08 4.22 26.96
N ALA A 241 23.64 4.77 28.10
CA ALA A 241 22.60 5.79 28.12
C ALA A 241 22.97 6.99 27.22
N ALA A 242 24.22 7.42 27.29
CA ALA A 242 24.70 8.53 26.45
C ALA A 242 24.56 8.23 24.95
N MET A 243 24.92 7.03 24.54
CA MET A 243 24.76 6.61 23.14
C MET A 243 23.28 6.59 22.74
N TYR A 244 22.44 6.00 23.59
CA TYR A 244 21.01 5.96 23.32
C TYR A 244 20.42 7.36 23.16
N GLN A 245 20.88 8.31 23.97
CA GLN A 245 20.39 9.68 23.87
C GLN A 245 20.82 10.33 22.57
N ARG A 246 22.09 10.16 22.21
CA ARG A 246 22.62 10.75 20.97
C ARG A 246 21.92 10.16 19.75
N THR A 247 21.67 8.85 19.79
CA THR A 247 21.07 8.13 18.67
C THR A 247 19.58 8.45 18.54
N THR A 248 18.88 8.52 19.67
CA THR A 248 17.48 8.96 19.72
C THR A 248 17.38 10.36 19.13
N ASP A 249 18.24 11.26 19.61
CA ASP A 249 18.25 12.63 19.10
C ASP A 249 18.46 12.68 17.58
N ALA A 250 19.41 11.88 17.07
CA ALA A 250 19.70 11.85 15.63
C ALA A 250 18.53 11.30 14.83
N ILE A 251 17.96 10.18 15.29
CA ILE A 251 16.80 9.60 14.66
C ILE A 251 15.63 10.59 14.61
N ARG A 252 15.47 11.38 15.67
CA ARG A 252 14.39 12.34 15.77
C ARG A 252 14.59 13.60 14.90
N GLN A 253 15.75 13.72 14.24
CA GLN A 253 15.92 14.74 13.19
C GLN A 253 15.12 14.40 11.92
N VAL A 254 14.84 13.11 11.71
CA VAL A 254 14.21 12.63 10.48
C VAL A 254 12.97 11.74 10.67
N ASP A 255 12.72 11.28 11.90
CA ASP A 255 11.59 10.38 12.18
C ASP A 255 11.07 10.67 13.56
N GLN A 256 9.85 11.24 13.62
CA GLN A 256 9.31 11.71 14.87
CA GLN A 256 9.27 11.71 14.87
C GLN A 256 8.42 10.66 15.57
N ASP A 257 7.92 9.67 14.83
CA ASP A 257 6.88 8.77 15.33
C ASP A 257 7.26 7.31 15.62
N THR A 258 8.36 6.82 15.07
CA THR A 258 8.76 5.42 15.33
C THR A 258 9.20 5.26 16.78
N TRP A 259 8.82 4.16 17.42
CA TRP A 259 9.27 3.91 18.79
C TRP A 259 10.77 3.61 18.78
N VAL A 260 11.48 4.25 19.68
CA VAL A 260 12.90 3.99 19.87
C VAL A 260 13.02 3.02 21.05
N CYS A 261 13.61 1.86 20.78
CA CYS A 261 13.64 0.78 21.74
C CYS A 261 15.05 0.59 22.25
N VAL A 262 15.18 0.62 23.57
CA VAL A 262 16.46 0.56 24.24
C VAL A 262 16.55 -0.70 25.11
N ALA A 263 17.73 -1.32 25.08
CA ALA A 263 18.02 -2.54 25.81
C ALA A 263 18.98 -2.27 26.97
N PRO A 264 18.91 -3.10 28.04
CA PRO A 264 19.90 -3.00 29.09
C PRO A 264 21.13 -3.72 28.59
N GLN A 265 22.21 -3.68 29.36
CA GLN A 265 23.31 -4.57 29.05
C GLN A 265 22.80 -6.00 29.15
N ALA A 266 23.32 -6.90 28.32
CA ALA A 266 22.79 -8.26 28.25
C ALA A 266 23.34 -9.16 29.33
N ILE A 267 24.66 -9.10 29.56
CA ILE A 267 25.27 -10.01 30.52
C ILE A 267 24.74 -9.66 31.92
N GLY A 268 24.28 -10.69 32.64
CA GLY A 268 23.62 -10.51 33.93
C GLY A 268 22.13 -10.22 33.82
N VAL A 269 21.78 -9.17 33.09
CA VAL A 269 20.36 -8.79 32.97
C VAL A 269 19.55 -9.87 32.21
N ASN A 270 20.13 -10.47 31.17
CA ASN A 270 19.53 -11.63 30.49
C ASN A 270 19.16 -12.76 31.44
N GLN A 271 19.95 -12.91 32.50
CA GLN A 271 19.83 -13.99 33.46
C GLN A 271 19.03 -13.65 34.72
N GLY A 272 18.47 -12.43 34.77
CA GLY A 272 17.55 -12.03 35.84
C GLY A 272 18.08 -11.02 36.84
N LEU A 273 19.25 -10.44 36.57
CA LEU A 273 19.80 -9.37 37.40
C LEU A 273 19.22 -8.01 36.99
N PRO A 274 19.18 -7.05 37.93
CA PRO A 274 18.67 -5.72 37.62
C PRO A 274 19.57 -4.94 36.64
N SER A 275 18.93 -4.03 35.92
CA SER A 275 19.61 -3.10 35.04
C SER A 275 19.75 -1.74 35.72
N GLY A 276 20.85 -1.07 35.45
CA GLY A 276 21.07 0.29 35.90
C GLY A 276 20.80 1.32 34.83
N LEU A 277 20.11 0.93 33.75
CA LEU A 277 19.78 1.85 32.66
C LEU A 277 18.90 2.98 33.19
N THR A 278 19.18 4.19 32.69
CA THR A 278 18.50 5.41 33.13
C THR A 278 17.59 5.95 32.02
N LYS A 279 16.73 6.90 32.38
CA LYS A 279 15.72 7.41 31.46
C LYS A 279 16.33 8.13 30.26
N ILE A 280 15.79 7.83 29.09
CA ILE A 280 16.19 8.47 27.84
C ILE A 280 15.11 9.49 27.46
N ASP A 281 15.55 10.70 27.08
CA ASP A 281 14.63 11.78 26.71
C ASP A 281 14.25 11.64 25.26
N ASP A 282 12.96 11.79 24.98
CA ASP A 282 12.46 11.76 23.62
C ASP A 282 12.08 13.19 23.23
N PRO A 283 12.81 13.79 22.27
CA PRO A 283 12.53 15.17 21.89
C PRO A 283 11.25 15.37 21.04
N ARG A 284 10.58 14.29 20.62
CA ARG A 284 9.36 14.43 19.81
C ARG A 284 8.30 15.25 20.54
N ALA A 285 7.52 16.01 19.79
CA ALA A 285 6.41 16.76 20.36
C ALA A 285 5.35 15.79 20.84
N GLY A 286 4.83 16.02 22.04
CA GLY A 286 3.81 15.16 22.62
C GLY A 286 4.44 14.06 23.47
N GLN A 287 3.74 12.93 23.57
CA GLN A 287 4.11 11.88 24.50
C GLN A 287 5.35 11.13 24.02
N GLN A 288 6.18 10.73 24.96
CA GLN A 288 7.38 9.96 24.71
CA GLN A 288 7.40 9.99 24.62
C GLN A 288 7.06 8.67 23.94
N ARG A 289 7.93 8.27 23.01
CA ARG A 289 7.82 6.98 22.33
C ARG A 289 9.13 6.23 22.44
N ILE A 290 9.45 5.85 23.67
CA ILE A 290 10.57 5.00 24.02
C ILE A 290 9.96 3.69 24.51
N ALA A 291 10.55 2.56 24.14
CA ALA A 291 10.13 1.26 24.66
C ALA A 291 11.35 0.51 25.16
N TYR A 292 11.12 -0.47 26.02
CA TYR A 292 12.18 -1.24 26.65
C TYR A 292 12.23 -2.63 26.04
N CYS A 293 13.40 -3.05 25.56
CA CYS A 293 13.49 -4.34 24.84
C CYS A 293 14.57 -5.28 25.36
N PRO A 294 14.39 -5.75 26.62
CA PRO A 294 15.32 -6.72 27.20
C PRO A 294 15.17 -8.11 26.60
N HIS A 295 16.15 -8.96 26.86
CA HIS A 295 16.08 -10.37 26.51
C HIS A 295 15.97 -11.24 27.76
N LEU A 296 15.59 -12.49 27.57
CA LEU A 296 15.43 -13.44 28.67
C LEU A 296 16.12 -14.75 28.33
N TYR A 297 17.19 -15.06 29.06
CA TYR A 297 17.96 -16.28 28.84
C TYR A 297 18.42 -16.86 30.19
N PRO A 298 17.53 -17.61 30.86
CA PRO A 298 17.84 -18.23 32.16
C PRO A 298 19.10 -19.10 32.09
N LEU A 299 19.95 -18.99 33.11
CA LEU A 299 21.23 -19.73 33.18
C LEU A 299 21.13 -21.25 33.02
N PRO A 300 20.17 -21.91 33.71
CA PRO A 300 20.07 -23.37 33.55
C PRO A 300 19.95 -23.86 32.11
N LEU A 301 19.24 -23.09 31.28
CA LEU A 301 19.10 -23.42 29.86
C LEU A 301 20.37 -23.04 29.10
N HIS A 307 14.68 -28.58 31.17
CA HIS A 307 13.74 -27.86 32.04
C HIS A 307 13.01 -28.84 32.95
N GLU A 308 13.78 -29.47 33.84
CA GLU A 308 13.24 -30.39 34.85
C GLU A 308 14.08 -30.33 36.13
N GLY A 309 13.48 -30.79 37.23
CA GLY A 309 14.16 -30.85 38.52
C GLY A 309 14.53 -29.48 39.07
N LEU A 310 15.69 -29.40 39.71
CA LEU A 310 16.20 -28.14 40.26
C LEU A 310 16.44 -27.10 39.17
N ALA A 311 16.86 -27.56 37.99
CA ALA A 311 17.01 -26.66 36.83
C ALA A 311 15.71 -25.92 36.53
N ARG A 312 14.60 -26.64 36.59
CA ARG A 312 13.27 -26.05 36.38
C ARG A 312 12.94 -24.99 37.44
N THR A 313 13.22 -25.31 38.71
CA THR A 313 12.99 -24.36 39.80
C THR A 313 13.80 -23.08 39.61
N LEU A 314 15.07 -23.24 39.26
CA LEU A 314 15.96 -22.09 39.01
C LEU A 314 15.46 -21.24 37.84
N THR A 315 15.00 -21.91 36.78
CA THR A 315 14.49 -21.19 35.61
C THR A 315 13.19 -20.44 35.95
N ASP A 316 12.31 -21.06 36.73
CA ASP A 316 11.06 -20.40 37.14
C ASP A 316 11.29 -19.16 38.01
N VAL A 317 12.21 -19.25 38.97
CA VAL A 317 12.52 -18.07 39.80
C VAL A 317 13.27 -17.00 39.00
N THR A 318 14.03 -17.42 38.00
CA THR A 318 14.65 -16.47 37.06
C THR A 318 13.57 -15.63 36.37
N ILE A 319 12.52 -16.29 35.88
CA ILE A 319 11.41 -15.58 35.22
C ILE A 319 10.81 -14.57 36.18
N ASP A 320 10.58 -14.98 37.43
CA ASP A 320 10.05 -14.08 38.47
C ASP A 320 10.93 -12.86 38.65
N ALA A 321 12.23 -13.10 38.78
CA ALA A 321 13.22 -12.02 38.97
C ALA A 321 13.27 -11.11 37.74
N TRP A 322 13.32 -11.72 36.56
CA TRP A 322 13.36 -10.99 35.30
C TRP A 322 12.12 -10.08 35.15
N ARG A 323 10.94 -10.62 35.48
CA ARG A 323 9.71 -9.83 35.43
C ARG A 323 9.76 -8.60 36.33
N ALA A 324 10.18 -8.78 37.59
CA ALA A 324 10.24 -7.67 38.55
C ALA A 324 11.22 -6.57 38.09
N ASN A 325 12.40 -6.99 37.62
CA ASN A 325 13.42 -6.06 37.15
C ASN A 325 12.99 -5.32 35.88
N THR A 326 12.42 -6.07 34.93
CA THR A 326 11.94 -5.50 33.68
C THR A 326 10.86 -4.45 33.95
N ALA A 327 9.89 -4.78 34.79
CA ALA A 327 8.84 -3.84 35.18
C ALA A 327 9.43 -2.57 35.82
N HIS A 328 10.43 -2.74 36.69
CA HIS A 328 11.09 -1.61 37.35
C HIS A 328 11.78 -0.67 36.35
N THR A 329 12.60 -1.23 35.47
CA THR A 329 13.29 -0.42 34.49
C THR A 329 12.31 0.22 33.50
N ALA A 330 11.23 -0.49 33.14
CA ALA A 330 10.20 0.12 32.30
C ALA A 330 9.56 1.36 32.96
N ARG A 331 9.45 1.33 34.28
CA ARG A 331 8.99 2.50 35.04
C ARG A 331 10.04 3.62 35.01
N VAL A 332 11.29 3.28 35.28
CA VAL A 332 12.40 4.26 35.25
C VAL A 332 12.44 5.02 33.91
N LEU A 333 12.22 4.32 32.82
CA LEU A 333 12.27 4.91 31.49
C LEU A 333 11.04 5.79 31.15
N GLY A 334 10.04 5.77 32.02
CA GLY A 334 8.82 6.59 31.85
C GLY A 334 7.55 5.79 31.66
N ASP A 335 7.43 4.69 32.39
CA ASP A 335 6.28 3.78 32.30
C ASP A 335 6.08 3.35 30.85
N VAL A 336 7.15 2.81 30.28
CA VAL A 336 7.19 2.55 28.85
C VAL A 336 6.68 1.14 28.51
N PRO A 337 6.27 0.93 27.24
CA PRO A 337 5.96 -0.43 26.77
C PRO A 337 7.17 -1.36 26.79
N ILE A 338 6.91 -2.66 26.89
CA ILE A 338 7.95 -3.68 26.96
C ILE A 338 7.84 -4.58 25.73
N ILE A 339 8.99 -4.89 25.15
CA ILE A 339 9.08 -5.92 24.12
C ILE A 339 10.17 -6.89 24.55
N LEU A 340 9.81 -8.17 24.68
CA LEU A 340 10.78 -9.21 24.95
C LEU A 340 11.42 -9.52 23.59
N GLY A 341 12.58 -8.91 23.36
CA GLY A 341 13.23 -8.93 22.05
C GLY A 341 13.85 -10.26 21.64
N GLU A 342 14.26 -11.03 22.62
CA GLU A 342 14.71 -12.42 22.44
C GLU A 342 14.41 -13.26 23.66
N PHE A 343 13.91 -14.47 23.40
CA PHE A 343 14.07 -15.62 24.27
C PHE A 343 13.96 -16.84 23.37
N GLY A 344 14.48 -17.97 23.83
CA GLY A 344 14.39 -19.19 23.02
C GLY A 344 15.24 -20.31 23.57
N LEU A 345 14.97 -21.51 23.09
CA LEU A 345 15.74 -22.67 23.49
C LEU A 345 15.53 -23.80 22.48
N ASP A 346 16.36 -24.83 22.62
CA ASP A 346 16.21 -26.08 21.90
C ASP A 346 14.89 -26.74 22.29
N THR A 347 13.93 -26.75 21.36
CA THR A 347 12.56 -27.23 21.63
C THR A 347 12.46 -28.74 21.84
N THR A 348 13.57 -29.44 21.56
CA THR A 348 13.64 -30.88 21.77
C THR A 348 14.08 -31.25 23.19
N LEU A 349 14.36 -30.25 24.02
CA LEU A 349 14.68 -30.46 25.43
C LEU A 349 13.40 -30.77 26.19
N PRO A 350 13.43 -31.83 27.03
CA PRO A 350 12.29 -32.09 27.90
C PRO A 350 11.92 -30.86 28.74
N GLY A 351 10.63 -30.55 28.79
CA GLY A 351 10.15 -29.39 29.52
C GLY A 351 10.11 -28.11 28.69
N ALA A 352 10.56 -28.17 27.45
CA ALA A 352 10.63 -26.96 26.61
C ALA A 352 9.27 -26.28 26.44
N ARG A 353 8.23 -27.07 26.16
CA ARG A 353 6.90 -26.48 25.96
C ARG A 353 6.41 -25.75 27.20
N ASP A 354 6.61 -26.35 28.37
CA ASP A 354 6.20 -25.71 29.63
C ASP A 354 6.90 -24.37 29.83
N TYR A 355 8.20 -24.34 29.56
CA TYR A 355 8.98 -23.09 29.65
C TYR A 355 8.42 -22.06 28.69
N ILE A 356 8.30 -22.45 27.43
CA ILE A 356 7.79 -21.54 26.39
C ILE A 356 6.42 -20.97 26.78
N GLU A 357 5.51 -21.84 27.21
CA GLU A 357 4.18 -21.42 27.59
C GLU A 357 4.19 -20.49 28.81
N ARG A 358 5.08 -20.74 29.75
CA ARG A 358 5.21 -19.87 30.92
C ARG A 358 5.74 -18.49 30.50
N VAL A 359 6.73 -18.44 29.62
CA VAL A 359 7.24 -17.16 29.15
C VAL A 359 6.15 -16.37 28.43
N TYR A 360 5.40 -17.00 27.52
CA TYR A 360 4.32 -16.30 26.82
C TYR A 360 3.20 -15.82 27.77
N GLY A 361 2.88 -16.60 28.79
CA GLY A 361 1.91 -16.18 29.80
C GLY A 361 2.39 -14.98 30.58
N THR A 362 3.67 -14.98 30.93
CA THR A 362 4.30 -13.85 31.62
C THR A 362 4.27 -12.60 30.74
N ALA A 363 4.66 -12.74 29.47
CA ALA A 363 4.61 -11.63 28.51
C ALA A 363 3.20 -11.05 28.41
N ARG A 364 2.21 -11.93 28.32
CA ARG A 364 0.81 -11.52 28.23
C ARG A 364 0.41 -10.70 29.46
N GLU A 365 0.75 -11.21 30.62
CA GLU A 365 0.45 -10.49 31.88
C GLU A 365 1.14 -9.13 31.97
N MET A 366 2.34 -9.03 31.40
CA MET A 366 3.13 -7.80 31.40
C MET A 366 2.75 -6.84 30.28
N GLY A 367 1.87 -7.27 29.39
CA GLY A 367 1.53 -6.47 28.20
C GLY A 367 2.69 -6.30 27.25
N ALA A 368 3.55 -7.32 27.17
CA ALA A 368 4.77 -7.24 26.39
C ALA A 368 4.64 -7.88 25.02
N GLY A 369 5.33 -7.32 24.05
CA GLY A 369 5.49 -7.96 22.75
C GLY A 369 6.55 -9.06 22.88
N VAL A 370 6.58 -9.99 21.92
CA VAL A 370 7.58 -11.04 21.94
C VAL A 370 8.11 -11.30 20.54
N SER A 371 9.43 -11.30 20.42
CA SER A 371 10.08 -11.83 19.21
C SER A 371 11.00 -13.00 19.63
N TYR A 372 10.55 -14.20 19.31
CA TYR A 372 11.25 -15.43 19.64
C TYR A 372 12.56 -15.52 18.86
N TRP A 373 13.63 -15.99 19.52
CA TRP A 373 14.90 -16.28 18.86
C TRP A 373 14.96 -17.78 18.50
N SER A 374 14.80 -18.14 17.22
CA SER A 374 14.64 -17.26 16.06
C SER A 374 13.94 -18.07 14.96
N SER A 375 13.73 -17.46 13.80
CA SER A 375 13.10 -18.15 12.68
C SER A 375 14.08 -19.07 11.96
N ASP A 376 15.37 -18.98 12.31
CA ASP A 376 16.40 -19.77 11.62
C ASP A 376 16.13 -21.28 11.71
N PRO A 377 16.49 -22.02 10.65
CA PRO A 377 16.26 -23.46 10.67
C PRO A 377 17.04 -24.17 11.75
N GLY A 378 16.37 -25.10 12.44
CA GLY A 378 16.96 -25.88 13.51
C GLY A 378 16.00 -26.14 14.66
N PRO A 379 16.44 -26.92 15.68
CA PRO A 379 15.59 -27.32 16.80
C PRO A 379 15.13 -26.19 17.73
N TRP A 380 15.79 -25.03 17.70
CA TRP A 380 15.32 -23.86 18.45
C TRP A 380 14.12 -23.21 17.77
N GLY A 381 14.07 -23.32 16.45
CA GLY A 381 13.13 -22.56 15.62
C GLY A 381 11.83 -23.30 15.33
N PRO A 382 10.94 -22.68 14.54
CA PRO A 382 9.67 -23.32 14.21
C PRO A 382 9.79 -24.47 13.20
N TYR A 383 10.88 -24.48 12.41
CA TYR A 383 11.09 -25.52 11.40
C TYR A 383 12.52 -26.06 11.44
N LEU A 384 12.65 -27.37 11.30
CA LEU A 384 13.95 -27.99 11.06
C LEU A 384 14.42 -27.64 9.64
N PRO A 385 15.72 -27.89 9.33
CA PRO A 385 16.23 -27.52 8.00
C PRO A 385 15.43 -28.06 6.80
N ASP A 386 14.81 -29.23 6.92
CA ASP A 386 14.03 -29.77 5.80
C ASP A 386 12.58 -29.27 5.75
N GLY A 387 12.23 -28.32 6.62
CA GLY A 387 10.89 -27.74 6.64
C GLY A 387 9.93 -28.38 7.63
N THR A 388 10.35 -29.43 8.31
CA THR A 388 9.49 -30.13 9.26
C THR A 388 9.24 -29.22 10.47
N GLN A 389 7.98 -29.12 10.90
CA GLN A 389 7.62 -28.26 12.04
C GLN A 389 8.17 -28.85 13.35
N THR A 390 8.71 -27.98 14.20
CA THR A 390 9.07 -28.35 15.56
C THR A 390 7.85 -28.14 16.46
N LEU A 391 8.03 -28.46 17.75
CA LEU A 391 7.02 -28.23 18.79
C LEU A 391 6.54 -26.77 18.85
N LEU A 392 7.37 -25.86 18.36
CA LEU A 392 7.06 -24.43 18.47
C LEU A 392 5.79 -24.03 17.73
N VAL A 393 5.54 -24.62 16.56
CA VAL A 393 4.41 -24.20 15.73
C VAL A 393 3.09 -24.38 16.46
N ASP A 394 2.82 -25.59 16.96
CA ASP A 394 1.57 -25.83 17.70
C ASP A 394 1.50 -25.04 19.00
N THR A 395 2.66 -24.81 19.61
CA THR A 395 2.73 -24.04 20.85
C THR A 395 2.38 -22.56 20.64
N LEU A 396 2.90 -21.97 19.56
CA LEU A 396 2.68 -20.54 19.29
C LEU A 396 1.35 -20.27 18.60
N ASN A 397 0.78 -21.28 17.95
CA ASN A 397 -0.38 -21.06 17.11
C ASN A 397 -1.66 -21.03 17.93
N LYS A 398 -1.84 -19.94 18.66
CA LYS A 398 -3.00 -19.76 19.50
C LYS A 398 -3.70 -18.45 19.17
N PRO A 399 -5.01 -18.35 19.48
CA PRO A 399 -5.67 -17.07 19.23
C PRO A 399 -5.03 -15.96 20.06
N TYR A 400 -4.96 -14.76 19.50
CA TYR A 400 -4.56 -13.60 20.29
C TYR A 400 -5.14 -12.31 19.72
N PRO A 401 -5.32 -11.29 20.57
CA PRO A 401 -5.71 -9.99 20.03
C PRO A 401 -4.47 -9.34 19.43
N ARG A 402 -4.58 -8.86 18.20
CA ARG A 402 -3.46 -8.23 17.49
C ARG A 402 -3.38 -6.73 17.74
N ALA A 403 -4.54 -6.07 17.61
CA ALA A 403 -4.63 -4.62 17.73
C ALA A 403 -5.97 -4.33 18.39
N VAL A 404 -5.94 -3.74 19.58
CA VAL A 404 -7.13 -3.59 20.41
C VAL A 404 -7.59 -2.13 20.45
N ALA A 405 -8.91 -1.94 20.33
CA ALA A 405 -9.50 -0.62 20.34
C ALA A 405 -9.68 -0.18 21.79
N GLY A 406 -8.55 0.14 22.44
CA GLY A 406 -8.52 0.36 23.88
C GLY A 406 -7.40 -0.43 24.53
N THR A 407 -7.26 -0.30 25.84
CA THR A 407 -6.22 -1.00 26.58
C THR A 407 -6.72 -2.39 26.96
N PRO A 408 -6.00 -3.44 26.53
CA PRO A 408 -6.40 -4.76 26.98
C PRO A 408 -5.97 -4.95 28.44
N THR A 409 -6.93 -5.14 29.34
CA THR A 409 -6.64 -5.24 30.77
C THR A 409 -6.29 -6.67 31.16
N GLU A 410 -6.87 -7.62 30.44
CA GLU A 410 -6.53 -9.03 30.58
C GLU A 410 -7.10 -9.80 29.41
N TRP A 411 -6.45 -10.92 29.09
CA TRP A 411 -7.00 -11.82 28.09
C TRP A 411 -6.46 -13.23 28.29
N SER A 412 -7.10 -14.18 27.63
CA SER A 412 -6.72 -15.57 27.69
C SER A 412 -7.12 -16.22 26.39
N SER A 413 -6.45 -17.31 26.07
CA SER A 413 -6.86 -18.08 24.92
C SER A 413 -6.43 -19.53 25.05
N THR A 414 -7.23 -20.38 24.42
CA THR A 414 -6.90 -21.79 24.21
C THR A 414 -7.09 -22.02 22.72
N SER A 415 -6.92 -23.26 22.27
CA SER A 415 -7.05 -23.56 20.84
CA SER A 415 -7.08 -23.60 20.85
C SER A 415 -8.42 -23.17 20.27
N ASP A 416 -9.48 -23.21 21.09
CA ASP A 416 -10.83 -22.89 20.59
C ASP A 416 -11.62 -21.87 21.42
N ARG A 417 -10.91 -20.96 22.07
CA ARG A 417 -11.54 -19.90 22.82
C ARG A 417 -10.60 -18.72 23.02
N LEU A 418 -11.13 -17.51 22.93
CA LEU A 418 -10.41 -16.30 23.31
C LEU A 418 -11.32 -15.40 24.12
N GLN A 419 -10.81 -14.85 25.21
CA GLN A 419 -11.54 -13.86 25.97
C GLN A 419 -10.62 -12.68 26.20
N LEU A 420 -11.17 -11.48 26.06
CA LEU A 420 -10.41 -10.24 26.13
C LEU A 420 -11.25 -9.20 26.85
N THR A 421 -10.65 -8.51 27.83
CA THR A 421 -11.32 -7.39 28.47
C THR A 421 -10.62 -6.11 28.05
N ILE A 422 -11.41 -5.11 27.67
CA ILE A 422 -10.90 -3.87 27.08
C ILE A 422 -11.31 -2.66 27.92
N GLU A 423 -10.34 -1.81 28.23
CA GLU A 423 -10.60 -0.50 28.82
C GLU A 423 -10.88 0.46 27.67
N PRO A 424 -12.12 0.96 27.58
CA PRO A 424 -12.52 1.63 26.34
C PRO A 424 -11.82 2.95 26.04
N ASP A 425 -11.85 3.33 24.77
CA ASP A 425 -11.28 4.58 24.30
C ASP A 425 -12.19 5.08 23.17
N ALA A 426 -13.03 6.05 23.48
CA ALA A 426 -14.04 6.53 22.53
C ALA A 426 -13.44 7.14 21.25
N ALA A 427 -12.19 7.57 21.32
CA ALA A 427 -11.52 8.22 20.20
C ALA A 427 -11.16 7.25 19.07
N ILE A 428 -11.08 5.96 19.39
CA ILE A 428 -10.67 4.94 18.43
C ILE A 428 -11.86 4.49 17.61
N THR A 429 -11.76 4.62 16.29
CA THR A 429 -12.82 4.22 15.38
C THR A 429 -12.57 2.87 14.70
N ALA A 430 -11.31 2.44 14.64
CA ALA A 430 -10.94 1.14 14.07
C ALA A 430 -11.42 0.00 14.98
N PRO A 431 -11.74 -1.17 14.38
CA PRO A 431 -12.21 -2.27 15.19
C PRO A 431 -11.05 -2.98 15.90
N THR A 432 -11.37 -3.73 16.95
CA THR A 432 -10.42 -4.67 17.52
C THR A 432 -10.18 -5.82 16.56
N GLU A 433 -8.91 -6.17 16.40
CA GLU A 433 -8.49 -7.14 15.39
C GLU A 433 -7.84 -8.33 16.09
N ILE A 434 -8.33 -9.52 15.78
CA ILE A 434 -7.98 -10.74 16.52
C ILE A 434 -7.61 -11.86 15.54
N TYR A 435 -6.56 -12.60 15.88
CA TYR A 435 -6.18 -13.79 15.12
C TYR A 435 -6.87 -15.04 15.67
N LEU A 436 -7.48 -15.82 14.78
CA LEU A 436 -8.09 -17.11 15.16
C LEU A 436 -7.56 -18.23 14.25
N PRO A 437 -6.83 -19.22 14.82
CA PRO A 437 -6.32 -20.33 14.03
C PRO A 437 -7.44 -21.21 13.49
N GLU A 438 -7.25 -21.75 12.29
CA GLU A 438 -8.28 -22.54 11.65
C GLU A 438 -8.52 -23.87 12.34
N ALA A 439 -7.49 -24.42 13.00
CA ALA A 439 -7.63 -25.70 13.70
C ALA A 439 -8.80 -25.65 14.67
N GLY A 440 -8.85 -24.60 15.51
CA GLY A 440 -9.91 -24.45 16.50
C GLY A 440 -11.14 -23.74 15.99
N PHE A 441 -11.01 -22.96 14.91
CA PHE A 441 -12.11 -22.18 14.37
C PHE A 441 -12.27 -22.52 12.89
N PRO A 442 -12.75 -23.74 12.59
CA PRO A 442 -12.82 -24.21 11.19
C PRO A 442 -13.92 -23.55 10.36
N GLY A 443 -14.86 -22.85 10.98
CA GLY A 443 -15.94 -22.19 10.27
C GLY A 443 -16.18 -20.76 10.70
N ASP A 444 -17.38 -20.51 11.22
CA ASP A 444 -17.80 -19.16 11.62
C ASP A 444 -17.50 -18.97 13.11
N VAL A 445 -17.73 -17.76 13.60
CA VAL A 445 -17.43 -17.45 14.99
C VAL A 445 -18.71 -17.17 15.78
N HIS A 446 -18.65 -17.40 17.08
CA HIS A 446 -19.68 -16.96 18.00
C HIS A 446 -19.03 -15.95 18.93
N VAL A 447 -19.53 -14.72 18.92
CA VAL A 447 -18.95 -13.64 19.69
C VAL A 447 -19.97 -13.08 20.69
N GLU A 448 -19.60 -13.09 21.98
CA GLU A 448 -20.37 -12.44 23.03
C GLU A 448 -19.64 -11.20 23.49
N GLY A 449 -20.37 -10.09 23.68
CA GLY A 449 -19.80 -8.87 24.22
C GLY A 449 -19.28 -7.88 23.20
N ALA A 450 -19.41 -8.23 21.93
CA ALA A 450 -19.02 -7.36 20.82
C ALA A 450 -19.83 -7.71 19.58
N ASP A 451 -19.90 -6.77 18.64
CA ASP A 451 -20.50 -6.99 17.33
C ASP A 451 -19.41 -7.36 16.35
N VAL A 452 -19.65 -8.38 15.54
CA VAL A 452 -18.70 -8.79 14.51
C VAL A 452 -18.77 -7.78 13.37
N VAL A 453 -17.61 -7.23 13.00
CA VAL A 453 -17.49 -6.32 11.87
C VAL A 453 -17.12 -7.12 10.62
N GLY A 454 -16.16 -8.02 10.75
CA GLY A 454 -15.76 -8.88 9.67
C GLY A 454 -15.07 -10.11 10.21
N TRP A 455 -15.16 -11.20 9.46
CA TRP A 455 -14.46 -12.42 9.81
C TRP A 455 -13.86 -12.96 8.53
N ASP A 456 -12.55 -12.77 8.39
CA ASP A 456 -11.81 -13.17 7.20
C ASP A 456 -11.19 -14.53 7.47
N ARG A 457 -11.75 -15.55 6.83
CA ARG A 457 -11.38 -16.94 7.10
C ARG A 457 -10.10 -17.34 6.36
N GLN A 458 -9.62 -16.47 5.47
CA GLN A 458 -8.37 -16.68 4.73
CA GLN A 458 -8.37 -16.73 4.78
C GLN A 458 -7.19 -16.08 5.49
N SER A 459 -7.30 -14.78 5.82
CA SER A 459 -6.27 -14.09 6.61
C SER A 459 -6.32 -14.47 8.09
N ARG A 460 -7.45 -15.05 8.52
CA ARG A 460 -7.69 -15.47 9.90
C ARG A 460 -7.87 -14.30 10.86
N LEU A 461 -8.30 -13.15 10.32
CA LEU A 461 -8.51 -11.95 11.11
C LEU A 461 -10.01 -11.71 11.36
N LEU A 462 -10.39 -11.75 12.64
CA LEU A 462 -11.70 -11.34 13.12
C LEU A 462 -11.64 -9.88 13.53
N THR A 463 -12.60 -9.06 13.09
CA THR A 463 -12.68 -7.68 13.55
C THR A 463 -14.01 -7.50 14.28
N VAL A 464 -13.96 -6.88 15.46
CA VAL A 464 -15.16 -6.66 16.28
C VAL A 464 -15.25 -5.22 16.75
N ARG A 465 -16.47 -4.83 17.16
CA ARG A 465 -16.75 -3.49 17.63
C ARG A 465 -17.39 -3.55 19.02
N THR A 466 -16.91 -2.72 19.92
CA THR A 466 -17.39 -2.66 21.30
C THR A 466 -17.79 -1.23 21.69
N PRO A 467 -18.74 -1.09 22.64
CA PRO A 467 -19.08 0.25 23.12
C PRO A 467 -17.95 0.90 23.90
N ALA A 468 -17.90 2.23 23.89
CA ALA A 468 -16.89 2.98 24.64
C ALA A 468 -17.48 3.72 25.85
N ASP A 469 -18.80 3.68 26.03
CA ASP A 469 -19.46 4.44 27.09
C ASP A 469 -20.07 3.57 28.19
N SER A 470 -19.62 2.31 28.27
CA SER A 470 -20.23 1.33 29.15
C SER A 470 -19.24 0.65 30.11
N GLY A 471 -18.10 1.29 30.33
CA GLY A 471 -17.04 0.74 31.18
C GLY A 471 -16.26 -0.33 30.45
N ASN A 472 -15.51 -1.13 31.19
CA ASN A 472 -14.67 -2.18 30.60
C ASN A 472 -15.55 -3.25 29.97
N VAL A 473 -15.18 -3.69 28.77
CA VAL A 473 -15.99 -4.62 28.00
C VAL A 473 -15.25 -5.94 27.85
N THR A 474 -15.94 -7.05 28.12
CA THR A 474 -15.35 -8.38 27.94
C THR A 474 -15.95 -9.05 26.70
N VAL A 475 -15.05 -9.43 25.79
CA VAL A 475 -15.40 -10.08 24.53
C VAL A 475 -14.96 -11.54 24.62
N THR A 476 -15.86 -12.45 24.27
CA THR A 476 -15.57 -13.88 24.31
C THR A 476 -15.87 -14.49 22.94
N VAL A 477 -14.86 -15.15 22.37
CA VAL A 477 -14.93 -15.70 21.00
C VAL A 477 -14.78 -17.22 21.04
N THR A 478 -15.78 -17.91 20.48
CA THR A 478 -15.80 -19.36 20.41
C THR A 478 -16.25 -19.81 19.02
N PRO A 479 -16.03 -21.08 18.66
CA PRO A 479 -16.42 -21.52 17.32
C PRO A 479 -17.92 -21.63 17.17
N ALA A 480 -18.42 -21.40 15.96
CA ALA A 480 -19.84 -21.59 15.68
C ALA A 480 -20.21 -23.05 15.92
N ALA A 481 -21.45 -23.25 16.38
CA ALA A 481 -21.94 -24.59 16.69
C ALA A 481 -22.09 -25.39 15.40
N PRO B 34 -20.97 -8.58 -20.52
CA PRO B 34 -19.88 -7.62 -20.75
C PRO B 34 -18.51 -8.13 -20.30
N SER B 35 -17.46 -7.51 -20.82
CA SER B 35 -16.10 -7.81 -20.42
C SER B 35 -15.60 -6.70 -19.53
N TYR B 36 -14.70 -7.05 -18.61
CA TYR B 36 -14.17 -6.11 -17.65
C TYR B 36 -12.64 -6.16 -17.64
N LEU B 37 -12.05 -5.00 -17.38
CA LEU B 37 -10.64 -4.94 -16.98
C LEU B 37 -10.56 -5.64 -15.62
N LYS B 38 -9.44 -6.29 -15.33
CA LYS B 38 -9.24 -6.97 -14.06
C LYS B 38 -8.09 -6.36 -13.29
N ASP B 39 -8.13 -6.48 -11.97
CA ASP B 39 -6.96 -6.17 -11.17
C ASP B 39 -6.03 -7.39 -11.09
N ASP B 40 -4.95 -7.28 -10.34
CA ASP B 40 -3.97 -8.38 -10.26
C ASP B 40 -4.48 -9.62 -9.50
N ASP B 41 -5.57 -9.45 -8.75
CA ASP B 41 -6.24 -10.56 -8.07
C ASP B 41 -7.28 -11.24 -8.96
N GLY B 42 -7.50 -10.70 -10.16
CA GLY B 42 -8.41 -11.31 -11.12
C GLY B 42 -9.83 -10.80 -10.97
N ARG B 43 -10.00 -9.78 -10.14
CA ARG B 43 -11.32 -9.18 -9.87
C ARG B 43 -11.72 -8.22 -10.98
N SER B 44 -12.99 -8.26 -11.34
CA SER B 44 -13.56 -7.41 -12.39
C SER B 44 -13.78 -6.00 -11.85
N LEU B 45 -13.30 -5.01 -12.59
CA LEU B 45 -13.30 -3.63 -12.12
C LEU B 45 -14.49 -2.83 -12.64
N ILE B 46 -15.24 -2.22 -11.73
CA ILE B 46 -16.28 -1.25 -12.08
C ILE B 46 -15.76 0.14 -11.74
N LEU B 47 -15.47 0.91 -12.77
CA LEU B 47 -14.69 2.15 -12.64
C LEU B 47 -15.55 3.40 -12.67
N ARG B 48 -15.40 4.22 -11.63
CA ARG B 48 -16.18 5.46 -11.46
C ARG B 48 -15.31 6.62 -11.04
N GLY B 49 -15.20 7.62 -11.91
CA GLY B 49 -14.44 8.81 -11.59
C GLY B 49 -14.65 9.98 -12.51
N PHE B 50 -13.65 10.86 -12.55
CA PHE B 50 -13.66 12.07 -13.35
C PHE B 50 -12.50 12.14 -14.31
N ASN B 51 -12.64 13.01 -15.31
CA ASN B 51 -11.51 13.54 -16.05
C ASN B 51 -10.88 14.64 -15.19
N THR B 52 -9.57 14.51 -14.94
CA THR B 52 -8.81 15.46 -14.15
C THR B 52 -7.49 15.77 -14.86
N ALA B 53 -7.33 16.98 -15.41
CA ALA B 53 -8.36 18.00 -15.48
C ALA B 53 -8.04 18.88 -16.68
N SER B 54 -9.03 19.64 -17.12
CA SER B 54 -8.85 20.52 -18.26
C SER B 54 -7.80 21.59 -17.98
N SER B 55 -7.69 22.00 -16.72
CA SER B 55 -6.68 23.00 -16.33
C SER B 55 -5.23 22.58 -16.66
N ALA B 56 -4.99 21.29 -16.82
CA ALA B 56 -3.68 20.77 -17.23
C ALA B 56 -3.29 21.18 -18.64
N LYS B 57 -4.28 21.44 -19.49
CA LYS B 57 -4.04 21.72 -20.90
C LYS B 57 -3.15 22.93 -21.11
N SER B 58 -3.38 23.99 -20.33
CA SER B 58 -2.67 25.26 -20.50
C SER B 58 -1.53 25.45 -19.50
N ALA B 59 -1.41 24.53 -18.55
CA ALA B 59 -0.40 24.68 -17.49
C ALA B 59 1.01 24.46 -18.04
N PRO B 60 1.92 25.45 -17.89
CA PRO B 60 3.28 25.24 -18.39
C PRO B 60 3.94 23.93 -17.91
N ASP B 61 3.72 23.55 -16.65
CA ASP B 61 4.27 22.30 -16.10
C ASP B 61 3.42 21.07 -16.40
N GLY B 62 2.34 21.26 -17.15
CA GLY B 62 1.54 20.12 -17.65
C GLY B 62 0.63 19.48 -16.62
N MET B 63 0.54 20.08 -15.43
CA MET B 63 -0.24 19.53 -14.31
CA MET B 63 -0.25 19.49 -14.35
C MET B 63 -1.58 20.23 -14.16
N PRO B 64 -2.62 19.49 -13.74
CA PRO B 64 -3.88 20.18 -13.45
C PRO B 64 -3.76 21.04 -12.19
N GLN B 65 -4.59 22.08 -12.10
CA GLN B 65 -4.79 22.81 -10.84
C GLN B 65 -5.72 22.01 -9.96
N PHE B 66 -5.17 20.93 -9.45
CA PHE B 66 -5.92 19.96 -8.67
C PHE B 66 -4.90 19.44 -7.67
N THR B 67 -5.24 19.52 -6.39
CA THR B 67 -4.30 19.20 -5.33
C THR B 67 -4.67 17.90 -4.63
N GLU B 68 -3.78 17.44 -3.75
CA GLU B 68 -4.05 16.24 -2.97
C GLU B 68 -5.27 16.46 -2.05
N ALA B 69 -5.43 17.69 -1.55
CA ALA B 69 -6.59 18.06 -0.75
C ALA B 69 -7.88 17.97 -1.57
N ASP B 70 -7.82 18.38 -2.84
CA ASP B 70 -8.98 18.25 -3.73
C ASP B 70 -9.36 16.78 -3.91
N LEU B 71 -8.37 15.92 -4.08
CA LEU B 71 -8.63 14.48 -4.21
C LEU B 71 -9.27 13.89 -2.95
N ALA B 72 -8.78 14.31 -1.78
CA ALA B 72 -9.33 13.87 -0.51
C ALA B 72 -10.81 14.24 -0.44
N ARG B 73 -11.13 15.47 -0.85
CA ARG B 73 -12.51 15.97 -0.91
C ARG B 73 -13.38 15.12 -1.83
N GLU B 74 -12.89 14.90 -3.05
CA GLU B 74 -13.59 14.06 -4.03
C GLU B 74 -13.92 12.67 -3.46
N TYR B 75 -12.91 12.01 -2.89
CA TYR B 75 -13.10 10.67 -2.36
C TYR B 75 -14.11 10.66 -1.18
N ALA B 76 -14.00 11.63 -0.29
CA ALA B 76 -14.89 11.78 0.86
C ALA B 76 -16.33 12.03 0.45
N ASP B 77 -16.51 12.85 -0.60
CA ASP B 77 -17.84 13.26 -1.05
C ASP B 77 -18.51 12.26 -2.00
N MET B 78 -17.72 11.51 -2.76
CA MET B 78 -18.26 10.65 -3.82
C MET B 78 -17.71 9.22 -3.89
N GLY B 79 -16.64 8.91 -3.15
CA GLY B 79 -16.08 7.56 -3.13
C GLY B 79 -15.64 7.02 -4.48
N THR B 80 -15.13 7.89 -5.33
CA THR B 80 -14.67 7.50 -6.66
C THR B 80 -13.46 6.57 -6.58
N ASN B 81 -13.26 5.76 -7.62
CA ASN B 81 -12.14 4.79 -7.69
C ASN B 81 -11.38 4.78 -9.01
N PHE B 82 -11.64 5.79 -9.84
CA PHE B 82 -11.09 5.87 -11.19
C PHE B 82 -10.75 7.31 -11.52
N VAL B 83 -9.75 7.52 -12.35
CA VAL B 83 -9.50 8.84 -12.93
C VAL B 83 -8.99 8.68 -14.35
N ARG B 84 -9.49 9.54 -15.24
CA ARG B 84 -8.91 9.73 -16.56
C ARG B 84 -8.02 10.96 -16.40
N PHE B 85 -6.74 10.70 -16.22
CA PHE B 85 -5.78 11.76 -15.91
C PHE B 85 -5.16 12.28 -17.19
N LEU B 86 -5.35 13.57 -17.45
CA LEU B 86 -4.86 14.18 -18.69
C LEU B 86 -3.34 14.42 -18.65
N ILE B 87 -2.65 13.78 -19.59
CA ILE B 87 -1.28 14.11 -19.91
C ILE B 87 -1.26 14.70 -21.32
N SER B 88 -0.08 15.05 -21.82
CA SER B 88 -0.01 15.69 -23.12
C SER B 88 1.30 15.39 -23.81
N TRP B 89 1.22 15.28 -25.12
CA TRP B 89 2.37 14.99 -25.94
C TRP B 89 3.40 16.12 -25.81
N ARG B 90 2.92 17.35 -25.79
CA ARG B 90 3.81 18.52 -25.65
C ARG B 90 4.62 18.48 -24.35
N SER B 91 4.06 17.88 -23.30
CA SER B 91 4.78 17.74 -22.03
C SER B 91 5.70 16.52 -22.04
N VAL B 92 5.25 15.42 -22.65
CA VAL B 92 6.04 14.19 -22.71
C VAL B 92 7.29 14.37 -23.57
N GLU B 93 7.09 14.95 -24.76
CA GLU B 93 8.16 15.13 -25.74
C GLU B 93 8.21 16.61 -26.18
N PRO B 94 8.73 17.49 -25.30
CA PRO B 94 8.79 18.93 -25.57
C PRO B 94 9.73 19.33 -26.72
N ALA B 95 10.67 18.45 -27.05
CA ALA B 95 11.58 18.62 -28.17
C ALA B 95 11.69 17.28 -28.87
N PRO B 96 11.94 17.28 -30.19
CA PRO B 96 11.96 16.01 -30.93
C PRO B 96 12.95 15.01 -30.33
N GLY B 97 12.44 13.84 -29.95
CA GLY B 97 13.27 12.76 -29.41
C GLY B 97 13.76 12.94 -27.98
N VAL B 98 13.29 13.97 -27.30
CA VAL B 98 13.68 14.23 -25.92
C VAL B 98 12.47 14.16 -25.02
N TYR B 99 12.45 13.17 -24.13
CA TYR B 99 11.35 12.99 -23.19
C TYR B 99 11.65 13.67 -21.87
N ASP B 100 10.65 14.36 -21.34
CA ASP B 100 10.80 15.10 -20.10
C ASP B 100 10.52 14.18 -18.91
N GLN B 101 11.59 13.70 -18.26
CA GLN B 101 11.47 12.77 -17.14
C GLN B 101 11.03 13.50 -15.88
N GLN B 102 11.30 14.81 -15.83
CA GLN B 102 10.81 15.62 -14.72
CA GLN B 102 10.83 15.67 -14.75
C GLN B 102 9.30 15.78 -14.80
N TYR B 103 8.75 15.87 -16.02
CA TYR B 103 7.30 15.91 -16.20
C TYR B 103 6.69 14.59 -15.77
N LEU B 104 7.26 13.48 -16.23
CA LEU B 104 6.80 12.15 -15.81
C LEU B 104 6.90 11.97 -14.28
N ASP B 105 7.91 12.60 -13.65
CA ASP B 105 8.01 12.62 -12.19
C ASP B 105 6.78 13.29 -11.58
N ARG B 106 6.36 14.42 -12.17
CA ARG B 106 5.20 15.14 -11.65
C ARG B 106 3.92 14.32 -11.85
N VAL B 107 3.81 13.67 -13.01
CA VAL B 107 2.68 12.77 -13.27
C VAL B 107 2.67 11.64 -12.23
N GLU B 108 3.82 11.02 -12.00
CA GLU B 108 3.97 9.95 -11.01
C GLU B 108 3.58 10.39 -9.60
N ASP B 109 3.95 11.61 -9.23
CA ASP B 109 3.58 12.20 -7.94
C ASP B 109 2.05 12.23 -7.80
N ARG B 110 1.37 12.74 -8.81
CA ARG B 110 -0.09 12.79 -8.81
C ARG B 110 -0.72 11.40 -8.77
N VAL B 111 -0.20 10.49 -9.59
CA VAL B 111 -0.66 9.10 -9.61
C VAL B 111 -0.51 8.45 -8.23
N GLY B 112 0.53 8.84 -7.49
CA GLY B 112 0.71 8.42 -6.10
C GLY B 112 -0.42 8.81 -5.17
N TRP B 113 -0.96 10.02 -5.34
CA TRP B 113 -2.13 10.47 -4.56
C TRP B 113 -3.31 9.52 -4.79
N TYR B 114 -3.54 9.19 -6.06
CA TYR B 114 -4.59 8.26 -6.45
C TYR B 114 -4.35 6.85 -5.90
N ALA B 115 -3.11 6.37 -6.05
CA ALA B 115 -2.75 5.04 -5.54
C ALA B 115 -3.02 4.89 -4.04
N GLU B 116 -2.62 5.90 -3.27
CA GLU B 116 -2.84 5.94 -1.81
C GLU B 116 -4.31 5.80 -1.38
N ARG B 117 -5.22 6.24 -2.24
CA ARG B 117 -6.64 6.23 -1.91
C ARG B 117 -7.41 5.17 -2.68
N GLY B 118 -6.67 4.23 -3.28
CA GLY B 118 -7.24 3.04 -3.87
C GLY B 118 -7.77 3.21 -5.29
N TYR B 119 -7.40 4.31 -5.92
CA TYR B 119 -7.84 4.60 -7.30
C TYR B 119 -7.07 3.82 -8.33
N LYS B 120 -7.73 3.56 -9.47
CA LYS B 120 -7.06 3.10 -10.68
C LYS B 120 -7.02 4.27 -11.65
N VAL B 121 -5.96 4.35 -12.44
CA VAL B 121 -5.69 5.50 -13.28
C VAL B 121 -5.64 5.10 -14.74
N MET B 122 -6.33 5.87 -15.58
CA MET B 122 -6.13 5.80 -17.03
C MET B 122 -5.42 7.09 -17.48
N LEU B 123 -4.26 6.93 -18.13
CA LEU B 123 -3.53 8.10 -18.63
C LEU B 123 -4.01 8.41 -20.04
N ASP B 124 -4.46 9.65 -20.22
CA ASP B 124 -5.08 10.12 -21.45
C ASP B 124 -4.12 11.12 -22.14
N MET B 125 -3.56 10.71 -23.27
CA MET B 125 -2.78 11.63 -24.12
C MET B 125 -3.78 12.56 -24.80
N HIS B 126 -4.03 13.68 -24.14
CA HIS B 126 -5.15 14.55 -24.51
C HIS B 126 -4.71 15.60 -25.52
N GLN B 127 -5.57 15.82 -26.51
CA GLN B 127 -5.50 17.00 -27.38
C GLN B 127 -6.91 17.50 -27.62
N ASP B 128 -7.04 18.80 -27.92
CA ASP B 128 -8.22 19.36 -28.60
C ASP B 128 -7.69 20.34 -29.65
N VAL B 129 -8.18 20.21 -30.89
CA VAL B 129 -7.79 21.08 -32.00
C VAL B 129 -6.27 21.07 -32.19
N TYR B 130 -5.73 19.86 -32.08
CA TYR B 130 -4.33 19.52 -32.34
C TYR B 130 -3.32 20.08 -31.31
N SER B 131 -3.29 21.38 -31.12
CA SER B 131 -2.22 22.01 -30.32
C SER B 131 -2.51 23.46 -29.96
N GLY B 132 -1.86 23.92 -28.90
CA GLY B 132 -1.86 25.34 -28.55
C GLY B 132 -1.17 26.19 -29.60
N ALA B 133 -0.32 25.56 -30.42
CA ALA B 133 0.48 26.26 -31.42
C ALA B 133 -0.28 26.63 -32.69
N ILE B 134 -1.59 26.35 -32.72
CA ILE B 134 -2.41 26.63 -33.90
C ILE B 134 -2.72 28.11 -34.08
N THR B 135 -2.59 28.89 -33.00
CA THR B 135 -2.60 30.35 -33.08
C THR B 135 -1.52 30.92 -32.17
N PRO B 136 -1.00 32.13 -32.49
CA PRO B 136 -0.07 32.80 -31.59
C PRO B 136 -0.73 33.22 -30.28
N GLY B 143 2.74 24.53 -27.24
CA GLY B 143 1.74 23.49 -27.50
C GLY B 143 0.63 23.41 -26.46
N ALA B 144 0.89 23.97 -25.28
CA ALA B 144 -0.13 24.10 -24.24
C ALA B 144 -1.11 25.20 -24.62
N GLY B 145 -2.36 25.07 -24.17
CA GLY B 145 -3.34 26.12 -24.36
C GLY B 145 -4.67 25.83 -23.69
N ALA B 146 -5.44 26.89 -23.44
CA ALA B 146 -6.74 26.79 -22.79
C ALA B 146 -7.80 26.22 -23.74
N ILE B 147 -7.69 26.55 -25.03
CA ILE B 147 -8.58 26.01 -26.06
C ILE B 147 -7.79 24.94 -26.83
N GLY B 148 -7.11 25.31 -27.92
CA GLY B 148 -6.21 24.36 -28.61
C GLY B 148 -5.13 23.83 -27.66
N ASN B 149 -4.89 22.51 -27.68
CA ASN B 149 -3.89 21.87 -26.81
C ASN B 149 -3.48 20.48 -27.30
N GLY B 150 -2.28 20.06 -26.92
CA GLY B 150 -1.86 18.68 -27.13
C GLY B 150 -0.45 18.50 -27.68
N ALA B 151 -0.33 18.61 -28.99
CA ALA B 151 0.93 18.36 -29.66
C ALA B 151 1.92 19.49 -29.39
N PRO B 152 3.23 19.18 -29.35
CA PRO B 152 4.20 20.25 -29.18
C PRO B 152 4.25 21.10 -30.44
N ALA B 153 4.77 22.31 -30.30
CA ALA B 153 4.90 23.23 -31.43
C ALA B 153 5.71 22.60 -32.58
N TRP B 154 6.78 21.87 -32.26
CA TRP B 154 7.62 21.28 -33.30
C TRP B 154 6.89 20.26 -34.17
N ALA B 155 5.83 19.67 -33.63
CA ALA B 155 5.04 18.66 -34.34
C ALA B 155 3.81 19.27 -35.04
N THR B 156 3.68 20.59 -34.98
CA THR B 156 2.54 21.32 -35.57
C THR B 156 2.97 21.99 -36.89
N TYR B 157 2.46 21.44 -38.00
CA TYR B 157 2.78 21.93 -39.35
C TYR B 157 1.50 22.39 -40.06
N MET B 158 1.20 23.67 -39.95
CA MET B 158 0.04 24.27 -40.61
C MET B 158 0.37 24.81 -42.00
N ASP B 159 1.66 24.87 -42.31
CA ASP B 159 2.17 25.26 -43.63
C ASP B 159 1.63 26.63 -44.08
N GLY B 160 1.54 27.55 -43.14
CA GLY B 160 1.10 28.91 -43.42
C GLY B 160 -0.40 29.12 -43.64
N LEU B 161 -1.18 28.05 -43.50
CA LEU B 161 -2.63 28.15 -43.75
C LEU B 161 -3.32 28.76 -42.54
N PRO B 162 -4.38 29.57 -42.78
CA PRO B 162 -5.00 30.36 -41.72
C PRO B 162 -5.75 29.56 -40.65
N VAL B 163 -5.79 30.13 -39.45
CA VAL B 163 -6.69 29.69 -38.38
C VAL B 163 -7.32 30.95 -37.78
N GLU B 164 -8.37 31.43 -38.43
CA GLU B 164 -9.04 32.64 -38.00
C GLU B 164 -9.92 32.38 -36.78
N PRO B 165 -10.19 33.42 -35.98
CA PRO B 165 -11.09 33.30 -34.82
C PRO B 165 -12.47 32.72 -35.17
N GLN B 166 -12.99 31.86 -34.30
CA GLN B 166 -14.30 31.20 -34.53
C GLN B 166 -15.18 31.36 -33.29
N PRO B 167 -16.51 31.40 -33.49
CA PRO B 167 -17.43 31.64 -32.37
C PRO B 167 -17.55 30.49 -31.35
N ARG B 168 -17.04 29.30 -31.67
CA ARG B 168 -16.98 28.18 -30.74
C ARG B 168 -15.72 27.35 -30.99
N TRP B 169 -15.15 26.80 -29.93
CA TRP B 169 -13.83 26.16 -30.02
C TRP B 169 -13.78 24.96 -30.98
N GLU B 170 -14.88 24.21 -31.07
CA GLU B 170 -14.92 23.04 -31.95
C GLU B 170 -14.74 23.39 -33.42
N LEU B 171 -15.14 24.60 -33.79
CA LEU B 171 -15.03 25.04 -35.19
C LEU B 171 -13.61 25.35 -35.64
N TYR B 172 -12.66 25.43 -34.70
CA TYR B 172 -11.24 25.56 -35.08
C TYR B 172 -10.75 24.29 -35.78
N TYR B 173 -11.38 23.15 -35.49
CA TYR B 173 -11.02 21.89 -36.14
C TYR B 173 -11.01 21.96 -37.67
N ILE B 174 -11.95 22.72 -38.24
CA ILE B 174 -12.13 22.75 -39.70
C ILE B 174 -11.45 23.94 -40.37
N GLN B 175 -10.70 24.73 -39.61
CA GLN B 175 -9.92 25.82 -40.21
C GLN B 175 -8.76 25.24 -41.02
N PRO B 176 -8.36 25.92 -42.12
CA PRO B 176 -7.36 25.38 -43.02
C PRO B 176 -6.05 24.91 -42.34
N GLY B 177 -5.52 25.70 -41.41
CA GLY B 177 -4.28 25.34 -40.71
C GLY B 177 -4.41 24.08 -39.87
N VAL B 178 -5.55 23.93 -39.20
CA VAL B 178 -5.78 22.79 -38.29
C VAL B 178 -6.00 21.52 -39.09
N MET B 179 -6.81 21.61 -40.14
CA MET B 179 -6.99 20.50 -41.06
C MET B 179 -5.64 20.04 -41.61
N ARG B 180 -4.77 20.98 -41.96
CA ARG B 180 -3.44 20.66 -42.46
C ARG B 180 -2.54 20.04 -41.38
N ALA B 181 -2.56 20.61 -40.19
CA ALA B 181 -1.80 20.06 -39.05
C ALA B 181 -2.15 18.59 -38.85
N PHE B 182 -3.45 18.27 -38.84
CA PHE B 182 -3.89 16.87 -38.78
C PHE B 182 -3.52 16.05 -40.03
N ASP B 183 -3.74 16.62 -41.21
CA ASP B 183 -3.38 15.94 -42.46
C ASP B 183 -1.88 15.61 -42.48
N ASN B 184 -1.06 16.50 -41.94
CA ASN B 184 0.37 16.24 -41.80
C ASN B 184 0.63 15.15 -40.74
N PHE B 185 -0.03 15.25 -39.59
CA PHE B 185 0.13 14.24 -38.55
C PHE B 185 -0.19 12.81 -39.01
N TRP B 186 -1.31 12.62 -39.71
CA TRP B 186 -1.69 11.30 -40.24
C TRP B 186 -0.94 10.92 -41.52
N ASN B 187 -0.08 11.82 -41.98
CA ASN B 187 0.67 11.67 -43.24
C ASN B 187 -0.20 11.49 -44.49
N THR B 188 -1.41 12.05 -44.43
CA THR B 188 -2.26 12.17 -45.60
C THR B 188 -1.58 13.01 -46.70
N THR B 189 -0.75 13.96 -46.27
CA THR B 189 0.03 14.80 -47.19
C THR B 189 1.24 14.08 -47.80
N GLY B 190 1.72 13.04 -47.13
CA GLY B 190 2.95 12.36 -47.53
C GLY B 190 4.21 13.06 -47.03
N LYS B 191 4.06 14.21 -46.39
CA LYS B 191 5.20 15.04 -46.02
C LYS B 191 5.78 14.74 -44.65
N HIS B 192 5.04 14.02 -43.81
CA HIS B 192 5.45 13.82 -42.41
C HIS B 192 5.16 12.42 -41.89
N PRO B 193 5.83 11.41 -42.47
CA PRO B 193 5.67 10.05 -41.95
C PRO B 193 6.26 9.88 -40.53
N GLU B 194 7.08 10.83 -40.09
CA GLU B 194 7.75 10.73 -38.79
C GLU B 194 6.85 11.02 -37.59
N LEU B 195 5.76 11.75 -37.81
CA LEU B 195 4.98 12.23 -36.68
C LEU B 195 4.34 11.09 -35.88
N VAL B 196 3.72 10.16 -36.58
CA VAL B 196 3.11 8.99 -35.91
C VAL B 196 4.18 8.17 -35.19
N GLU B 197 5.37 8.06 -35.78
CA GLU B 197 6.49 7.35 -35.13
C GLU B 197 6.90 8.06 -33.83
N HIS B 198 7.01 9.38 -33.86
CA HIS B 198 7.27 10.14 -32.63
C HIS B 198 6.20 9.89 -31.58
N TYR B 199 4.94 10.01 -31.98
CA TYR B 199 3.80 9.78 -31.09
C TYR B 199 3.87 8.41 -30.41
N ALA B 200 4.11 7.37 -31.20
CA ALA B 200 4.19 5.99 -30.67
C ALA B 200 5.33 5.83 -29.66
N LYS B 201 6.47 6.46 -29.95
CA LYS B 201 7.64 6.37 -29.08
C LYS B 201 7.50 7.27 -27.84
N ALA B 202 6.74 8.35 -27.96
CA ALA B 202 6.40 9.15 -26.78
C ALA B 202 5.51 8.32 -25.84
N TRP B 203 4.56 7.59 -26.41
CA TRP B 203 3.75 6.64 -25.62
C TRP B 203 4.61 5.55 -24.97
N ARG B 204 5.55 4.99 -25.73
CA ARG B 204 6.48 4.01 -25.18
C ARG B 204 7.23 4.56 -23.96
N ALA B 205 7.63 5.83 -24.02
CA ALA B 205 8.35 6.49 -22.93
C ALA B 205 7.47 6.58 -21.68
N VAL B 206 6.20 6.90 -21.88
CA VAL B 206 5.23 6.93 -20.80
C VAL B 206 5.02 5.53 -20.21
N ALA B 207 4.87 4.54 -21.08
CA ALA B 207 4.63 3.15 -20.66
C ALA B 207 5.84 2.60 -19.93
N ASP B 208 7.04 3.04 -20.31
CA ASP B 208 8.26 2.60 -19.63
C ASP B 208 8.34 3.11 -18.21
N ARG B 209 7.85 4.32 -17.97
CA ARG B 209 7.78 4.85 -16.62
C ARG B 209 6.70 4.18 -15.78
N PHE B 210 5.54 3.90 -16.37
CA PHE B 210 4.39 3.44 -15.58
C PHE B 210 4.06 1.95 -15.64
N ALA B 211 4.87 1.15 -16.34
CA ALA B 211 4.62 -0.29 -16.46
C ALA B 211 4.47 -1.02 -15.12
N ASP B 212 5.26 -0.63 -14.13
CA ASP B 212 5.23 -1.28 -12.81
C ASP B 212 4.47 -0.46 -11.77
N ASN B 213 3.65 0.48 -12.23
CA ASN B 213 2.82 1.28 -11.35
C ASN B 213 1.50 0.54 -11.15
N ASP B 214 1.30 0.00 -9.95
CA ASP B 214 0.14 -0.82 -9.66
C ASP B 214 -1.19 -0.07 -9.71
N ALA B 215 -1.13 1.27 -9.69
CA ALA B 215 -2.33 2.11 -9.78
C ALA B 215 -2.80 2.37 -11.22
N VAL B 216 -1.89 2.27 -12.19
CA VAL B 216 -2.22 2.51 -13.60
C VAL B 216 -2.80 1.26 -14.22
N VAL B 217 -4.00 1.35 -14.79
CA VAL B 217 -4.65 0.21 -15.43
C VAL B 217 -4.85 0.36 -16.95
N ALA B 218 -4.77 1.59 -17.45
CA ALA B 218 -5.10 1.85 -18.85
C ALA B 218 -4.35 3.04 -19.42
N TYR B 219 -4.07 2.94 -20.72
CA TYR B 219 -3.54 4.04 -21.50
C TYR B 219 -4.56 4.39 -22.59
N ASP B 220 -5.13 5.60 -22.50
CA ASP B 220 -6.04 6.12 -23.53
C ASP B 220 -5.18 6.87 -24.56
N LEU B 221 -4.95 6.20 -25.69
CA LEU B 221 -3.92 6.59 -26.67
C LEU B 221 -4.08 7.97 -27.31
N MET B 222 -5.31 8.38 -27.61
CA MET B 222 -5.55 9.69 -28.18
C MET B 222 -6.97 10.17 -27.90
N ASN B 223 -7.07 11.35 -27.29
CA ASN B 223 -8.35 12.00 -27.10
C ASN B 223 -8.97 12.43 -28.42
N GLU B 224 -10.24 12.04 -28.61
CA GLU B 224 -11.04 12.48 -29.75
C GLU B 224 -10.26 12.63 -31.06
N PRO B 225 -9.79 11.49 -31.60
CA PRO B 225 -9.07 11.51 -32.87
C PRO B 225 -9.89 12.25 -33.94
N PHE B 226 -9.24 13.16 -34.65
CA PHE B 226 -9.84 13.94 -35.72
C PHE B 226 -9.03 13.68 -36.99
N GLY B 227 -9.71 13.33 -38.08
CA GLY B 227 -9.03 12.87 -39.30
C GLY B 227 -8.71 13.95 -40.32
N GLY B 228 -9.06 15.20 -40.03
CA GLY B 228 -8.83 16.31 -40.96
C GLY B 228 -9.64 16.10 -42.23
N SER B 229 -8.94 16.01 -43.36
CA SER B 229 -9.58 15.79 -44.67
C SER B 229 -10.10 14.35 -44.84
N LEU B 230 -9.68 13.44 -43.98
CA LEU B 230 -10.20 12.07 -43.95
C LEU B 230 -11.24 11.94 -42.83
N GLN B 231 -12.42 11.43 -43.16
CA GLN B 231 -13.51 11.25 -42.19
C GLN B 231 -14.25 9.93 -42.41
N GLY B 232 -14.71 9.33 -41.32
CA GLY B 232 -15.42 8.05 -41.36
C GLY B 232 -14.46 6.88 -41.42
N PRO B 233 -14.92 5.73 -41.98
CA PRO B 233 -14.08 4.54 -42.17
C PRO B 233 -12.76 4.78 -42.90
N ALA B 234 -12.75 5.67 -43.88
CA ALA B 234 -11.50 6.03 -44.56
C ALA B 234 -10.43 6.42 -43.53
N PHE B 235 -10.86 7.14 -42.50
CA PHE B 235 -9.97 7.60 -41.44
C PHE B 235 -9.76 6.52 -40.37
N GLU B 236 -10.85 6.02 -39.81
CA GLU B 236 -10.77 5.13 -38.65
C GLU B 236 -10.12 3.78 -38.96
N ALA B 237 -10.46 3.20 -40.11
CA ALA B 237 -9.89 1.92 -40.52
C ALA B 237 -8.56 2.10 -41.27
N GLY B 238 -8.20 3.35 -41.58
CA GLY B 238 -6.94 3.68 -42.23
C GLY B 238 -5.86 4.13 -41.26
N PRO B 239 -5.49 5.42 -41.28
CA PRO B 239 -4.39 5.90 -40.43
C PRO B 239 -4.66 5.87 -38.93
N LEU B 240 -5.92 5.93 -38.51
CA LEU B 240 -6.21 5.87 -37.08
C LEU B 240 -5.82 4.49 -36.54
N ALA B 241 -6.40 3.45 -37.10
CA ALA B 241 -6.09 2.08 -36.69
C ALA B 241 -4.60 1.79 -36.82
N ALA B 242 -3.96 2.32 -37.87
CA ALA B 242 -2.53 2.09 -38.08
C ALA B 242 -1.68 2.71 -36.98
N MET B 243 -2.04 3.92 -36.54
CA MET B 243 -1.35 4.59 -35.43
C MET B 243 -1.55 3.82 -34.13
N TYR B 244 -2.80 3.39 -33.88
CA TYR B 244 -3.09 2.56 -32.71
C TYR B 244 -2.25 1.30 -32.69
N GLN B 245 -2.12 0.64 -33.84
CA GLN B 245 -1.34 -0.58 -33.93
C GLN B 245 0.15 -0.34 -33.64
N ARG B 246 0.72 0.68 -34.25
CA ARG B 246 2.13 1.04 -34.01
C ARG B 246 2.40 1.47 -32.57
N THR B 247 1.43 2.17 -31.97
CA THR B 247 1.56 2.63 -30.59
C THR B 247 1.38 1.48 -29.59
N THR B 248 0.45 0.56 -29.87
CA THR B 248 0.26 -0.64 -29.07
C THR B 248 1.55 -1.45 -29.09
N ASP B 249 2.05 -1.72 -30.29
CA ASP B 249 3.30 -2.47 -30.45
C ASP B 249 4.47 -1.84 -29.70
N ALA B 250 4.63 -0.52 -29.81
CA ALA B 250 5.64 0.24 -29.07
C ALA B 250 5.49 0.14 -27.54
N ILE B 251 4.26 0.31 -27.05
CA ILE B 251 3.98 0.16 -25.62
C ILE B 251 4.32 -1.24 -25.09
N ARG B 252 4.02 -2.26 -25.89
CA ARG B 252 4.20 -3.66 -25.50
C ARG B 252 5.68 -4.10 -25.52
N GLN B 253 6.57 -3.23 -25.97
CA GLN B 253 8.01 -3.42 -25.80
C GLN B 253 8.42 -3.25 -24.34
N VAL B 254 7.71 -2.40 -23.60
CA VAL B 254 8.05 -2.04 -22.22
C VAL B 254 6.95 -2.33 -21.18
N ASP B 255 5.73 -2.62 -21.64
CA ASP B 255 4.60 -2.82 -20.73
C ASP B 255 3.65 -3.88 -21.29
N GLN B 256 3.55 -5.02 -20.61
CA GLN B 256 2.76 -6.16 -21.08
C GLN B 256 1.32 -6.17 -20.59
N ASP B 257 1.05 -5.54 -19.46
CA ASP B 257 -0.19 -5.78 -18.72
C ASP B 257 -1.20 -4.65 -18.73
N THR B 258 -0.77 -3.41 -18.97
CA THR B 258 -1.69 -2.27 -18.96
C THR B 258 -2.63 -2.37 -20.16
N TRP B 259 -3.92 -2.10 -19.94
CA TRP B 259 -4.89 -2.10 -21.03
C TRP B 259 -4.61 -0.93 -21.98
N VAL B 260 -4.54 -1.22 -23.27
CA VAL B 260 -4.42 -0.17 -24.27
C VAL B 260 -5.84 0.18 -24.74
N CYS B 261 -6.20 1.44 -24.54
CA CYS B 261 -7.56 1.90 -24.78
C CYS B 261 -7.61 2.75 -26.04
N VAL B 262 -8.52 2.37 -26.94
CA VAL B 262 -8.66 3.02 -28.24
C VAL B 262 -10.02 3.68 -28.39
N ALA B 263 -10.02 4.87 -28.99
CA ALA B 263 -11.25 5.62 -29.22
C ALA B 263 -11.60 5.63 -30.71
N PRO B 264 -12.90 5.80 -31.03
CA PRO B 264 -13.28 6.02 -32.42
C PRO B 264 -13.00 7.49 -32.73
N GLN B 265 -13.19 7.93 -33.97
CA GLN B 265 -13.15 9.36 -34.23
C GLN B 265 -14.32 9.97 -33.45
N ALA B 266 -14.13 11.15 -32.89
CA ALA B 266 -15.14 11.74 -32.01
C ALA B 266 -16.31 12.34 -32.79
N ILE B 267 -16.01 13.06 -33.87
CA ILE B 267 -17.07 13.73 -34.62
C ILE B 267 -17.99 12.67 -35.25
N GLY B 268 -19.28 12.82 -35.00
CA GLY B 268 -20.29 11.87 -35.44
C GLY B 268 -20.51 10.80 -34.39
N VAL B 269 -19.46 10.06 -34.06
CA VAL B 269 -19.58 8.94 -33.13
C VAL B 269 -19.97 9.42 -31.71
N ASN B 270 -19.42 10.55 -31.28
CA ASN B 270 -19.87 11.20 -30.03
C ASN B 270 -21.39 11.44 -30.00
N GLN B 271 -21.96 11.70 -31.17
CA GLN B 271 -23.37 12.06 -31.32
C GLN B 271 -24.29 10.86 -31.63
N GLY B 272 -23.74 9.64 -31.64
CA GLY B 272 -24.53 8.42 -31.82
C GLY B 272 -24.40 7.71 -33.15
N LEU B 273 -23.47 8.16 -33.99
CA LEU B 273 -23.22 7.51 -35.27
C LEU B 273 -22.26 6.33 -35.11
N PRO B 274 -22.30 5.37 -36.04
CA PRO B 274 -21.39 4.24 -35.96
C PRO B 274 -19.92 4.58 -36.21
N SER B 275 -19.05 3.77 -35.62
CA SER B 275 -17.62 3.84 -35.87
C SER B 275 -17.22 2.78 -36.88
N GLY B 276 -16.27 3.13 -37.75
CA GLY B 276 -15.60 2.17 -38.63
C GLY B 276 -14.24 1.69 -38.13
N LEU B 277 -13.95 1.91 -36.84
CA LEU B 277 -12.71 1.42 -36.25
C LEU B 277 -12.65 -0.10 -36.37
N THR B 278 -11.45 -0.60 -36.64
CA THR B 278 -11.21 -2.01 -36.90
C THR B 278 -10.32 -2.58 -35.78
N LYS B 279 -10.20 -3.91 -35.76
CA LYS B 279 -9.50 -4.59 -34.67
C LYS B 279 -8.00 -4.30 -34.60
N ILE B 280 -7.54 -4.03 -33.38
CA ILE B 280 -6.14 -3.78 -33.09
C ILE B 280 -5.60 -5.07 -32.47
N ASP B 281 -4.45 -5.53 -32.99
CA ASP B 281 -3.80 -6.73 -32.49
C ASP B 281 -2.94 -6.38 -31.29
N ASP B 282 -3.07 -7.19 -30.24
CA ASP B 282 -2.28 -7.05 -29.04
C ASP B 282 -1.19 -8.14 -29.08
N PRO B 283 0.08 -7.73 -29.18
CA PRO B 283 1.17 -8.73 -29.23
C PRO B 283 1.48 -9.45 -27.90
N ARG B 284 0.87 -9.02 -26.79
CA ARG B 284 1.12 -9.66 -25.50
C ARG B 284 0.78 -11.15 -25.55
N ALA B 285 1.48 -11.93 -24.74
CA ALA B 285 1.18 -13.35 -24.58
C ALA B 285 -0.21 -13.52 -23.95
N GLY B 286 -0.97 -14.50 -24.44
CA GLY B 286 -2.29 -14.81 -23.90
C GLY B 286 -3.40 -13.93 -24.44
N GLN B 287 -4.35 -13.58 -23.58
CA GLN B 287 -5.55 -12.86 -23.99
C GLN B 287 -5.19 -11.40 -24.29
N GLN B 288 -5.89 -10.78 -25.24
CA GLN B 288 -5.66 -9.38 -25.57
CA GLN B 288 -5.61 -9.38 -25.53
C GLN B 288 -6.14 -8.48 -24.43
N ARG B 289 -5.47 -7.34 -24.28
CA ARG B 289 -5.85 -6.32 -23.30
C ARG B 289 -6.00 -4.98 -24.02
N ILE B 290 -6.96 -4.96 -24.94
CA ILE B 290 -7.40 -3.75 -25.64
C ILE B 290 -8.78 -3.41 -25.07
N ALA B 291 -9.02 -2.13 -24.79
CA ALA B 291 -10.36 -1.66 -24.41
C ALA B 291 -10.81 -0.49 -25.29
N TYR B 292 -12.11 -0.20 -25.24
CA TYR B 292 -12.74 0.77 -26.13
C TYR B 292 -13.22 1.93 -25.28
N CYS B 293 -12.81 3.15 -25.64
CA CYS B 293 -13.08 4.32 -24.81
CA CYS B 293 -13.07 4.32 -24.81
C CYS B 293 -13.71 5.48 -25.57
N PRO B 294 -14.95 5.26 -26.08
CA PRO B 294 -15.70 6.32 -26.77
C PRO B 294 -16.22 7.36 -25.77
N HIS B 295 -16.68 8.48 -26.29
CA HIS B 295 -17.31 9.53 -25.52
C HIS B 295 -18.78 9.63 -25.91
N LEU B 296 -19.56 10.35 -25.12
CA LEU B 296 -20.99 10.51 -25.38
C LEU B 296 -21.38 11.96 -25.19
N TYR B 297 -21.77 12.60 -26.30
CA TYR B 297 -22.17 13.99 -26.30
C TYR B 297 -23.34 14.23 -27.26
N PRO B 298 -24.57 13.98 -26.78
CA PRO B 298 -25.75 14.15 -27.64
C PRO B 298 -25.89 15.57 -28.18
N LEU B 299 -26.27 15.66 -29.46
CA LEU B 299 -26.42 16.95 -30.15
C LEU B 299 -27.31 17.97 -29.43
N PRO B 300 -28.48 17.55 -28.93
CA PRO B 300 -29.37 18.53 -28.27
C PRO B 300 -28.75 19.28 -27.09
N LEU B 301 -27.84 18.64 -26.38
CA LEU B 301 -27.14 19.28 -25.25
C LEU B 301 -26.08 20.31 -25.65
N ASP B 302 -25.57 20.23 -26.88
CA ASP B 302 -24.60 21.21 -27.37
C ASP B 302 -25.32 22.38 -28.03
N HIS B 307 -32.54 19.36 -21.38
CA HIS B 307 -32.98 17.97 -21.49
C HIS B 307 -34.47 17.85 -21.16
N GLU B 308 -35.28 18.52 -21.97
CA GLU B 308 -36.75 18.47 -21.85
C GLU B 308 -37.37 18.50 -23.25
N GLY B 309 -38.64 18.12 -23.35
CA GLY B 309 -39.37 18.17 -24.61
C GLY B 309 -38.79 17.31 -25.72
N LEU B 310 -38.82 17.83 -26.95
CA LEU B 310 -38.28 17.12 -28.12
C LEU B 310 -36.78 16.88 -27.96
N ALA B 311 -36.06 17.87 -27.42
CA ALA B 311 -34.64 17.74 -27.08
C ALA B 311 -34.37 16.47 -26.26
N ARG B 312 -35.22 16.24 -25.26
CA ARG B 312 -35.11 15.07 -24.41
C ARG B 312 -35.31 13.77 -25.18
N THR B 313 -36.34 13.72 -26.03
CA THR B 313 -36.57 12.55 -26.87
C THR B 313 -35.35 12.25 -27.74
N LEU B 314 -34.82 13.30 -28.38
CA LEU B 314 -33.65 13.20 -29.26
C LEU B 314 -32.42 12.68 -28.51
N THR B 315 -32.22 13.20 -27.30
CA THR B 315 -31.11 12.72 -26.47
C THR B 315 -31.29 11.27 -26.03
N ASP B 316 -32.51 10.89 -25.64
CA ASP B 316 -32.79 9.52 -25.23
C ASP B 316 -32.51 8.53 -26.35
N VAL B 317 -32.96 8.84 -27.56
CA VAL B 317 -32.71 7.99 -28.73
CA VAL B 317 -32.71 7.95 -28.69
C VAL B 317 -31.22 7.98 -29.09
N THR B 318 -30.54 9.11 -28.87
CA THR B 318 -29.07 9.16 -29.06
C THR B 318 -28.39 8.12 -28.16
N ILE B 319 -28.79 8.06 -26.90
CA ILE B 319 -28.22 7.10 -25.94
C ILE B 319 -28.41 5.68 -26.45
N ASP B 320 -29.61 5.39 -26.95
CA ASP B 320 -29.94 4.07 -27.51
C ASP B 320 -29.03 3.70 -28.68
N ALA B 321 -28.88 4.64 -29.61
CA ALA B 321 -28.03 4.44 -30.79
C ALA B 321 -26.57 4.29 -30.37
N TRP B 322 -26.12 5.17 -29.48
CA TRP B 322 -24.75 5.13 -28.98
C TRP B 322 -24.40 3.79 -28.33
N ARG B 323 -25.30 3.29 -27.49
CA ARG B 323 -25.13 1.99 -26.88
C ARG B 323 -25.03 0.86 -27.90
N ALA B 324 -25.95 0.84 -28.87
CA ALA B 324 -25.92 -0.18 -29.91
C ALA B 324 -24.60 -0.15 -30.70
N ASN B 325 -24.14 1.05 -31.06
CA ASN B 325 -22.91 1.19 -31.85
C ASN B 325 -21.67 0.87 -31.02
N THR B 326 -21.66 1.34 -29.77
CA THR B 326 -20.56 1.06 -28.84
C THR B 326 -20.41 -0.45 -28.62
N ALA B 327 -21.54 -1.14 -28.40
CA ALA B 327 -21.54 -2.60 -28.25
C ALA B 327 -20.97 -3.30 -29.48
N HIS B 328 -21.36 -2.83 -30.66
CA HIS B 328 -20.89 -3.41 -31.93
C HIS B 328 -19.38 -3.30 -32.07
N THR B 329 -18.85 -2.10 -31.86
CA THR B 329 -17.43 -1.86 -32.05
C THR B 329 -16.60 -2.57 -30.99
N ALA B 330 -17.11 -2.68 -29.76
CA ALA B 330 -16.42 -3.46 -28.72
C ALA B 330 -16.33 -4.94 -29.10
N ARG B 331 -17.36 -5.44 -29.79
CA ARG B 331 -17.32 -6.79 -30.35
C ARG B 331 -16.27 -6.94 -31.46
N VAL B 332 -16.26 -5.99 -32.41
CA VAL B 332 -15.28 -5.97 -33.51
C VAL B 332 -13.84 -5.98 -32.98
N LEU B 333 -13.60 -5.21 -31.93
CA LEU B 333 -12.27 -5.13 -31.33
C LEU B 333 -11.85 -6.39 -30.57
N GLY B 334 -12.78 -7.33 -30.38
CA GLY B 334 -12.52 -8.61 -29.73
C GLY B 334 -13.29 -8.84 -28.44
N ASP B 335 -14.55 -8.38 -28.41
CA ASP B 335 -15.41 -8.47 -27.22
C ASP B 335 -14.74 -7.81 -26.02
N VAL B 336 -14.35 -6.56 -26.22
CA VAL B 336 -13.49 -5.87 -25.28
C VAL B 336 -14.28 -5.11 -24.23
N PRO B 337 -13.63 -4.77 -23.10
CA PRO B 337 -14.26 -3.88 -22.12
C PRO B 337 -14.48 -2.47 -22.68
N ILE B 338 -15.46 -1.79 -22.11
CA ILE B 338 -15.83 -0.45 -22.53
C ILE B 338 -15.58 0.49 -21.37
N ILE B 339 -14.97 1.64 -21.67
CA ILE B 339 -14.93 2.75 -20.74
C ILE B 339 -15.54 3.96 -21.43
N LEU B 340 -16.57 4.54 -20.81
CA LEU B 340 -17.10 5.82 -21.26
C LEU B 340 -16.14 6.92 -20.79
N GLY B 341 -15.23 7.31 -21.68
CA GLY B 341 -14.13 8.22 -21.36
C GLY B 341 -14.53 9.64 -21.06
N GLU B 342 -15.60 10.12 -21.68
CA GLU B 342 -16.17 11.42 -21.36
C GLU B 342 -17.67 11.44 -21.61
N PHE B 343 -18.37 12.12 -20.72
CA PHE B 343 -19.70 12.65 -20.96
C PHE B 343 -19.87 13.72 -19.89
N GLY B 344 -20.77 14.67 -20.13
CA GLY B 344 -20.96 15.76 -19.18
C GLY B 344 -21.84 16.86 -19.71
N LEU B 345 -22.29 17.70 -18.80
CA LEU B 345 -23.10 18.86 -19.15
C LEU B 345 -23.19 19.81 -17.97
N ASP B 346 -23.62 21.04 -18.26
CA ASP B 346 -23.94 22.02 -17.23
C ASP B 346 -25.05 21.46 -16.35
N THR B 347 -24.73 21.19 -15.08
CA THR B 347 -25.66 20.51 -14.19
C THR B 347 -26.86 21.35 -13.78
N THR B 348 -26.86 22.64 -14.14
CA THR B 348 -27.97 23.56 -13.81
C THR B 348 -29.07 23.56 -14.87
N LEU B 349 -28.87 22.83 -15.97
CA LEU B 349 -29.88 22.76 -17.02
C LEU B 349 -31.10 21.94 -16.57
N PRO B 350 -32.29 22.30 -17.07
CA PRO B 350 -33.46 21.45 -16.79
C PRO B 350 -33.25 20.02 -17.26
N GLY B 351 -33.60 19.05 -16.42
CA GLY B 351 -33.48 17.64 -16.79
C GLY B 351 -32.08 17.05 -16.65
N ALA B 352 -31.12 17.85 -16.19
CA ALA B 352 -29.71 17.42 -16.12
C ALA B 352 -29.51 16.17 -15.26
N ARG B 353 -30.13 16.12 -14.09
CA ARG B 353 -29.99 14.96 -13.22
C ARG B 353 -30.53 13.71 -13.88
N ASP B 354 -31.69 13.84 -14.53
CA ASP B 354 -32.30 12.74 -15.24
C ASP B 354 -31.38 12.20 -16.33
N TYR B 355 -30.73 13.11 -17.06
CA TYR B 355 -29.78 12.71 -18.11
C TYR B 355 -28.60 11.99 -17.49
N ILE B 356 -28.01 12.58 -16.45
CA ILE B 356 -26.84 12.00 -15.79
C ILE B 356 -27.20 10.59 -15.28
N GLU B 357 -28.35 10.47 -14.63
CA GLU B 357 -28.78 9.19 -14.08
C GLU B 357 -29.04 8.15 -15.18
N ARG B 358 -29.61 8.56 -16.30
CA ARG B 358 -29.80 7.63 -17.43
C ARG B 358 -28.47 7.13 -18.00
N VAL B 359 -27.52 8.04 -18.21
CA VAL B 359 -26.20 7.65 -18.73
C VAL B 359 -25.49 6.65 -17.81
N TYR B 360 -25.50 6.92 -16.50
CA TYR B 360 -24.89 6.01 -15.53
C TYR B 360 -25.59 4.65 -15.50
N GLY B 361 -26.92 4.64 -15.62
CA GLY B 361 -27.70 3.41 -15.74
C GLY B 361 -27.31 2.61 -16.98
N THR B 362 -27.16 3.31 -18.09
CA THR B 362 -26.74 2.69 -19.33
C THR B 362 -25.34 2.07 -19.17
N ALA B 363 -24.40 2.84 -18.62
CA ALA B 363 -23.04 2.35 -18.40
C ALA B 363 -23.03 1.10 -17.54
N ARG B 364 -23.80 1.12 -16.45
CA ARG B 364 -23.94 -0.03 -15.57
C ARG B 364 -24.43 -1.29 -16.31
N GLU B 365 -25.48 -1.14 -17.11
CA GLU B 365 -26.02 -2.25 -17.89
C GLU B 365 -25.02 -2.78 -18.92
N MET B 366 -24.20 -1.88 -19.47
CA MET B 366 -23.18 -2.24 -20.45
C MET B 366 -21.87 -2.75 -19.83
N GLY B 367 -21.76 -2.72 -18.50
CA GLY B 367 -20.51 -3.08 -17.82
C GLY B 367 -19.37 -2.10 -18.11
N ALA B 368 -19.71 -0.84 -18.29
CA ALA B 368 -18.73 0.16 -18.73
C ALA B 368 -18.23 1.00 -17.58
N GLY B 369 -16.94 1.35 -17.61
CA GLY B 369 -16.39 2.36 -16.73
C GLY B 369 -16.88 3.73 -17.13
N VAL B 370 -16.79 4.70 -16.22
CA VAL B 370 -17.12 6.09 -16.53
C VAL B 370 -16.13 7.08 -15.94
N SER B 371 -15.64 7.98 -16.78
CA SER B 371 -14.95 9.18 -16.32
C SER B 371 -15.71 10.41 -16.81
N TYR B 372 -16.42 11.05 -15.87
CA TYR B 372 -17.22 12.24 -16.15
C TYR B 372 -16.34 13.44 -16.54
N TRP B 373 -16.77 14.21 -17.54
CA TRP B 373 -16.11 15.48 -17.90
C TRP B 373 -16.78 16.65 -17.19
N SER B 374 -16.18 17.25 -16.16
CA SER B 374 -14.86 16.91 -15.61
C SER B 374 -14.81 17.40 -14.17
N SER B 375 -13.67 17.22 -13.51
CA SER B 375 -13.50 17.68 -12.12
C SER B 375 -13.31 19.18 -12.02
N ASP B 376 -13.09 19.85 -13.15
CA ASP B 376 -12.79 21.28 -13.16
C ASP B 376 -13.88 22.11 -12.51
N PRO B 377 -13.49 23.20 -11.81
CA PRO B 377 -14.47 24.07 -11.15
C PRO B 377 -15.49 24.68 -12.11
N GLY B 378 -16.75 24.66 -11.72
CA GLY B 378 -17.82 25.20 -12.54
C GLY B 378 -19.05 24.31 -12.51
N PRO B 379 -20.14 24.75 -13.16
CA PRO B 379 -21.43 24.08 -13.09
C PRO B 379 -21.53 22.70 -13.79
N TRP B 380 -20.55 22.36 -14.64
CA TRP B 380 -20.47 21.01 -15.22
C TRP B 380 -19.99 20.02 -14.16
N GLY B 381 -19.12 20.50 -13.27
CA GLY B 381 -18.34 19.66 -12.37
C GLY B 381 -19.02 19.46 -11.04
N PRO B 382 -18.31 18.79 -10.12
CA PRO B 382 -18.87 18.54 -8.78
C PRO B 382 -18.87 19.76 -7.86
N TYR B 383 -17.96 20.72 -8.10
CA TYR B 383 -17.86 21.92 -7.28
C TYR B 383 -17.74 23.19 -8.10
N LEU B 384 -18.40 24.25 -7.65
CA LEU B 384 -18.25 25.58 -8.22
C LEU B 384 -16.90 26.17 -7.77
N PRO B 385 -16.40 27.20 -8.48
CA PRO B 385 -15.14 27.85 -8.12
C PRO B 385 -14.98 28.19 -6.64
N ASP B 386 -16.08 28.59 -5.98
CA ASP B 386 -16.04 28.92 -4.54
C ASP B 386 -16.07 27.69 -3.62
N GLY B 387 -16.19 26.50 -4.20
CA GLY B 387 -16.16 25.26 -3.44
C GLY B 387 -17.53 24.68 -3.16
N THR B 388 -18.59 25.43 -3.48
CA THR B 388 -19.97 24.94 -3.35
C THR B 388 -20.16 23.70 -4.19
N GLN B 389 -20.86 22.71 -3.62
CA GLN B 389 -21.22 21.51 -4.36
C GLN B 389 -22.31 21.81 -5.37
N THR B 390 -22.18 21.23 -6.56
CA THR B 390 -23.25 21.23 -7.55
C THR B 390 -24.14 20.02 -7.27
N LEU B 391 -25.19 19.86 -8.07
CA LEU B 391 -26.07 18.71 -7.89
C LEU B 391 -25.40 17.40 -8.32
N LEU B 392 -24.23 17.49 -8.95
CA LEU B 392 -23.49 16.31 -9.38
C LEU B 392 -23.07 15.41 -8.20
N VAL B 393 -22.70 16.03 -7.08
CA VAL B 393 -22.16 15.28 -5.94
C VAL B 393 -23.15 14.25 -5.40
N ASP B 394 -24.37 14.68 -5.08
CA ASP B 394 -25.40 13.77 -4.57
C ASP B 394 -25.84 12.74 -5.61
N THR B 395 -25.79 13.12 -6.89
CA THR B 395 -26.13 12.22 -7.99
C THR B 395 -25.14 11.06 -8.08
N LEU B 396 -23.85 11.37 -7.92
CA LEU B 396 -22.78 10.37 -8.10
C LEU B 396 -22.48 9.57 -6.84
N ASN B 397 -22.85 10.11 -5.68
CA ASN B 397 -22.49 9.47 -4.42
C ASN B 397 -23.47 8.36 -4.06
N LYS B 398 -23.33 7.24 -4.76
CA LYS B 398 -24.16 6.06 -4.55
C LYS B 398 -23.28 4.84 -4.32
N PRO B 399 -23.81 3.82 -3.64
CA PRO B 399 -23.06 2.57 -3.50
C PRO B 399 -22.78 1.92 -4.85
N TYR B 400 -21.60 1.32 -4.99
CA TYR B 400 -21.27 0.54 -6.18
C TYR B 400 -20.20 -0.50 -5.86
N PRO B 401 -20.18 -1.62 -6.62
CA PRO B 401 -19.10 -2.59 -6.47
C PRO B 401 -17.88 -2.06 -7.19
N ARG B 402 -16.74 -2.02 -6.49
CA ARG B 402 -15.49 -1.47 -7.05
C ARG B 402 -14.66 -2.54 -7.76
N ALA B 403 -14.54 -3.70 -7.13
CA ALA B 403 -13.79 -4.83 -7.65
C ALA B 403 -14.48 -6.12 -7.23
N VAL B 404 -14.97 -6.87 -8.22
CA VAL B 404 -15.83 -8.03 -7.97
C VAL B 404 -15.08 -9.35 -8.19
N ALA B 405 -15.21 -10.25 -7.22
CA ALA B 405 -14.66 -11.60 -7.32
C ALA B 405 -15.53 -12.48 -8.23
N GLY B 406 -15.44 -12.23 -9.53
CA GLY B 406 -16.31 -12.81 -10.53
C GLY B 406 -16.85 -11.75 -11.48
N THR B 407 -17.59 -12.20 -12.48
CA THR B 407 -18.19 -11.31 -13.47
C THR B 407 -19.54 -10.86 -12.97
N PRO B 408 -19.71 -9.54 -12.76
CA PRO B 408 -21.06 -9.09 -12.41
C PRO B 408 -21.99 -9.23 -13.62
N THR B 409 -23.13 -9.88 -13.43
CA THR B 409 -24.15 -10.03 -14.48
C THR B 409 -25.12 -8.86 -14.46
N GLU B 410 -25.42 -8.38 -13.26
CA GLU B 410 -26.24 -7.20 -13.06
C GLU B 410 -26.03 -6.66 -11.65
N TRP B 411 -26.34 -5.38 -11.48
CA TRP B 411 -26.40 -4.79 -10.17
C TRP B 411 -27.25 -3.54 -10.19
N SER B 412 -27.54 -3.02 -9.00
CA SER B 412 -28.36 -1.85 -8.86
C SER B 412 -28.00 -1.20 -7.54
N SER B 413 -28.21 0.10 -7.44
CA SER B 413 -28.05 0.76 -6.15
C SER B 413 -28.95 1.97 -6.00
N THR B 414 -29.38 2.18 -4.77
CA THR B 414 -30.06 3.37 -4.34
C THR B 414 -29.22 3.90 -3.19
N SER B 415 -29.64 5.00 -2.59
CA SER B 415 -28.88 5.61 -1.50
CA SER B 415 -28.88 5.61 -1.50
C SER B 415 -28.62 4.64 -0.36
N ASP B 416 -29.56 3.75 -0.08
CA ASP B 416 -29.43 2.82 1.05
C ASP B 416 -29.56 1.33 0.71
N ARG B 417 -29.21 0.96 -0.51
CA ARG B 417 -29.26 -0.44 -0.91
C ARG B 417 -28.35 -0.69 -2.11
N LEU B 418 -27.60 -1.78 -2.04
CA LEU B 418 -26.84 -2.28 -3.18
C LEU B 418 -27.14 -3.75 -3.36
N GLN B 419 -27.39 -4.15 -4.59
CA GLN B 419 -27.59 -5.56 -4.92
C GLN B 419 -26.74 -5.87 -6.14
N LEU B 420 -26.11 -7.03 -6.12
CA LEU B 420 -25.15 -7.44 -7.15
C LEU B 420 -25.26 -8.94 -7.38
N THR B 421 -25.31 -9.37 -8.64
CA THR B 421 -25.26 -10.78 -8.96
C THR B 421 -23.95 -11.09 -9.66
N ILE B 422 -23.34 -12.20 -9.26
CA ILE B 422 -21.97 -12.52 -9.63
C ILE B 422 -21.91 -13.90 -10.28
N GLU B 423 -21.30 -13.98 -11.46
CA GLU B 423 -20.88 -15.27 -12.04
C GLU B 423 -19.64 -15.74 -11.29
N PRO B 424 -19.71 -16.87 -10.59
CA PRO B 424 -18.58 -17.23 -9.74
C PRO B 424 -17.31 -17.59 -10.50
N ASP B 425 -16.18 -17.33 -9.86
CA ASP B 425 -14.86 -17.72 -10.35
C ASP B 425 -14.08 -18.24 -9.15
N ALA B 426 -14.00 -19.57 -9.02
CA ALA B 426 -13.34 -20.24 -7.88
C ALA B 426 -11.85 -19.91 -7.75
N ALA B 427 -11.24 -19.56 -8.86
CA ALA B 427 -9.82 -19.20 -8.88
C ALA B 427 -9.50 -17.92 -8.12
N ILE B 428 -10.50 -17.05 -7.96
CA ILE B 428 -10.31 -15.76 -7.27
C ILE B 428 -10.46 -15.94 -5.77
N THR B 429 -9.44 -15.53 -5.01
CA THR B 429 -9.46 -15.60 -3.55
C THR B 429 -9.64 -14.21 -2.91
N ALA B 430 -9.37 -13.14 -3.65
CA ALA B 430 -9.54 -11.78 -3.12
C ALA B 430 -11.04 -11.48 -2.98
N PRO B 431 -11.44 -10.73 -1.93
CA PRO B 431 -12.87 -10.48 -1.70
C PRO B 431 -13.45 -9.46 -2.68
N THR B 432 -14.76 -9.53 -2.89
CA THR B 432 -15.46 -8.45 -3.57
C THR B 432 -15.42 -7.19 -2.69
N GLU B 433 -15.07 -6.07 -3.30
CA GLU B 433 -14.89 -4.80 -2.62
C GLU B 433 -15.94 -3.80 -3.07
N ILE B 434 -16.62 -3.16 -2.12
CA ILE B 434 -17.81 -2.35 -2.37
C ILE B 434 -17.73 -1.00 -1.64
N TYR B 435 -18.14 0.08 -2.32
CA TYR B 435 -18.26 1.40 -1.70
C TYR B 435 -19.65 1.60 -1.15
N LEU B 436 -19.74 2.06 0.10
CA LEU B 436 -21.03 2.41 0.71
C LEU B 436 -20.96 3.82 1.27
N PRO B 437 -21.78 4.74 0.76
CA PRO B 437 -21.78 6.10 1.28
C PRO B 437 -22.32 6.19 2.71
N GLU B 438 -21.71 7.04 3.53
CA GLU B 438 -22.15 7.21 4.93
C GLU B 438 -23.58 7.73 5.03
N ALA B 439 -23.99 8.53 4.06
CA ALA B 439 -25.34 9.08 4.04
C ALA B 439 -26.40 7.99 4.25
N GLY B 440 -26.38 6.96 3.42
CA GLY B 440 -27.34 5.86 3.49
C GLY B 440 -26.95 4.70 4.39
N PHE B 441 -25.66 4.62 4.74
CA PHE B 441 -25.11 3.56 5.59
C PHE B 441 -24.36 4.18 6.80
N PRO B 442 -25.11 4.82 7.71
CA PRO B 442 -24.52 5.57 8.82
C PRO B 442 -23.90 4.73 9.96
N GLY B 443 -24.16 3.42 9.98
CA GLY B 443 -23.65 2.54 11.03
C GLY B 443 -23.11 1.23 10.49
N ASP B 444 -23.74 0.11 10.90
CA ASP B 444 -23.32 -1.22 10.47
C ASP B 444 -24.03 -1.63 9.20
N VAL B 445 -23.52 -2.69 8.58
CA VAL B 445 -24.09 -3.22 7.35
C VAL B 445 -24.78 -4.55 7.62
N HIS B 446 -25.76 -4.85 6.77
CA HIS B 446 -26.38 -6.15 6.74
C HIS B 446 -26.20 -6.72 5.34
N VAL B 447 -25.58 -7.89 5.26
CA VAL B 447 -25.30 -8.50 3.98
C VAL B 447 -25.93 -9.88 3.86
N GLU B 448 -26.69 -10.08 2.78
CA GLU B 448 -27.25 -11.39 2.40
CA GLU B 448 -27.18 -11.41 2.45
C GLU B 448 -26.54 -11.92 1.17
N GLY B 449 -26.23 -13.22 1.16
CA GLY B 449 -25.66 -13.87 -0.01
C GLY B 449 -24.15 -13.89 -0.01
N ALA B 450 -23.55 -13.28 1.01
CA ALA B 450 -22.09 -13.23 1.16
C ALA B 450 -21.72 -13.09 2.64
N ASP B 451 -20.50 -13.47 2.97
CA ASP B 451 -19.93 -13.27 4.30
C ASP B 451 -19.05 -12.03 4.33
N VAL B 452 -19.25 -11.21 5.34
CA VAL B 452 -18.51 -9.96 5.46
C VAL B 452 -17.13 -10.27 6.04
N VAL B 453 -16.08 -9.97 5.27
CA VAL B 453 -14.72 -10.19 5.73
C VAL B 453 -14.07 -8.90 6.29
N GLY B 454 -14.61 -7.76 5.88
CA GLY B 454 -14.22 -6.47 6.45
C GLY B 454 -15.21 -5.36 6.14
N TRP B 455 -15.36 -4.40 7.06
CA TRP B 455 -16.20 -3.21 6.82
C TRP B 455 -15.56 -2.01 7.50
N ASP B 456 -14.90 -1.19 6.69
CA ASP B 456 -14.14 -0.03 7.16
C ASP B 456 -14.99 1.21 6.99
N ARG B 457 -15.50 1.73 8.11
CA ARG B 457 -16.41 2.87 8.12
C ARG B 457 -15.71 4.19 7.83
N GLN B 458 -14.38 4.17 7.77
CA GLN B 458 -13.59 5.34 7.43
C GLN B 458 -13.35 5.41 5.91
N SER B 459 -12.73 4.37 5.35
CA SER B 459 -12.54 4.26 3.88
C SER B 459 -13.84 3.99 3.12
N ARG B 460 -14.90 3.62 3.85
CA ARG B 460 -16.21 3.33 3.28
C ARG B 460 -16.20 2.10 2.40
N LEU B 461 -15.25 1.19 2.65
CA LEU B 461 -15.05 0.00 1.85
C LEU B 461 -15.54 -1.25 2.59
N LEU B 462 -16.52 -1.91 1.99
CA LEU B 462 -17.01 -3.22 2.42
C LEU B 462 -16.35 -4.33 1.59
N THR B 463 -15.81 -5.34 2.27
CA THR B 463 -15.27 -6.52 1.60
C THR B 463 -16.03 -7.78 2.03
N VAL B 464 -16.41 -8.58 1.04
CA VAL B 464 -17.19 -9.79 1.26
C VAL B 464 -16.66 -10.96 0.42
N ARG B 465 -17.05 -12.16 0.85
CA ARG B 465 -16.76 -13.38 0.11
C ARG B 465 -18.04 -14.18 -0.12
N THR B 466 -18.12 -14.74 -1.33
CA THR B 466 -19.26 -15.49 -1.80
C THR B 466 -18.85 -16.92 -2.18
N PRO B 467 -19.80 -17.87 -2.11
CA PRO B 467 -19.49 -19.23 -2.60
C PRO B 467 -19.25 -19.24 -4.11
N ALA B 468 -18.39 -20.15 -4.57
CA ALA B 468 -18.07 -20.26 -6.00
C ALA B 468 -18.56 -21.56 -6.62
N ASP B 469 -19.28 -22.38 -5.84
CA ASP B 469 -19.70 -23.73 -6.26
C ASP B 469 -21.22 -23.89 -6.29
N SER B 470 -21.95 -22.78 -6.29
CA SER B 470 -23.42 -22.81 -6.22
C SER B 470 -24.07 -21.99 -7.35
N GLY B 471 -23.34 -21.77 -8.44
CA GLY B 471 -23.85 -20.98 -9.55
C GLY B 471 -23.79 -19.49 -9.25
N ASN B 472 -24.59 -18.71 -9.97
CA ASN B 472 -24.58 -17.26 -9.81
C ASN B 472 -25.08 -16.87 -8.43
N VAL B 473 -24.41 -15.91 -7.81
CA VAL B 473 -24.70 -15.49 -6.45
C VAL B 473 -25.20 -14.05 -6.43
N THR B 474 -26.31 -13.83 -5.71
CA THR B 474 -26.82 -12.47 -5.51
C THR B 474 -26.49 -12.00 -4.11
N VAL B 475 -25.82 -10.85 -4.04
CA VAL B 475 -25.44 -10.22 -2.77
C VAL B 475 -26.26 -8.96 -2.58
N THR B 476 -26.87 -8.83 -1.41
CA THR B 476 -27.70 -7.68 -1.08
C THR B 476 -27.15 -7.00 0.18
N VAL B 477 -26.88 -5.71 0.06
CA VAL B 477 -26.29 -4.92 1.12
C VAL B 477 -27.25 -3.82 1.53
N THR B 478 -27.63 -3.83 2.82
CA THR B 478 -28.58 -2.88 3.36
C THR B 478 -28.07 -2.38 4.71
N PRO B 479 -28.55 -1.20 5.16
CA PRO B 479 -28.11 -0.68 6.45
C PRO B 479 -28.63 -1.56 7.59
N ALA B 480 -27.78 -1.81 8.58
CA ALA B 480 -28.19 -2.62 9.73
C ALA B 480 -29.18 -1.82 10.58
N ALA B 481 -30.15 -2.52 11.16
CA ALA B 481 -31.12 -1.91 12.06
C ALA B 481 -30.43 -1.29 13.26
#